data_3OAD
#
_entry.id   3OAD
#
_cell.length_a   66.666
_cell.length_b   93.405
_cell.length_c   118.271
_cell.angle_alpha   90.00
_cell.angle_beta   90.00
_cell.angle_gamma   90.00
#
_symmetry.space_group_name_H-M   'P 21 21 21'
#
loop_
_entity.id
_entity.type
_entity.pdbx_description
1 polymer Renin
2 polymer Renin
3 non-polymer 2-acetamido-2-deoxy-beta-D-glucopyranose
4 non-polymer (3S,4R)-N-[2-chloro-5-(2-methoxyethyl)benzyl]-N-cyclopropyl-4-{6-[2-(2,6-dichloro-4-methylphenoxy)ethoxy]pyridin-3-yl}-4-hydroxypiperidine-3-carboxamide
5 water water
#
loop_
_entity_poly.entity_id
_entity_poly.type
_entity_poly.pdbx_seq_one_letter_code
_entity_poly.pdbx_strand_id
1 'polypeptide(L)'
;LTLGNTTSSVILTNYMDTQYYGEIGIGTPPQTFKVVFDTGSSNVWVPSSKCSRLYTACVYHKLFDASDSSSYKHNGTELT
LRYSTGTVSGFLSQDIITVGGITVTQMFGEVTEMPALPFMLAEFDGVVGMGFIEQAIGRVTPIFDNIISQGVLKEDVFSF
YYNRDS
;
A,C
2 'polypeptide(L)'
;SLGGQIVLGGSDPQHYEGNFHYINLIKTGVWQIQMKGVSVGSSTLLCEDGCLALVDTGASYISGSTSSIEKLMEALGAKK
RLFDYVVKCNEGPTLPDISFHLGGKEYTLTSADYVFQESYSSKKLCTLAIHAMDIPPPTGPTWALGATFIRKFYTEFDRR
NNRIGFALARHHHHHH
;
B,D
#
loop_
_chem_comp.id
_chem_comp.type
_chem_comp.name
_chem_comp.formula
LPO non-polymer (3S,4R)-N-[2-chloro-5-(2-methoxyethyl)benzyl]-N-cyclopropyl-4-{6-[2-(2,6-dichloro-4-methylphenoxy)ethoxy]pyridin-3-yl}-4-hydroxypiperidine-3-carboxamide 'C33 H38 Cl3 N3 O5'
NAG D-saccharide, beta linking 2-acetamido-2-deoxy-beta-D-glucopyranose 'C8 H15 N O6'
#
# COMPACT_ATOMS: atom_id res chain seq x y z
N GLY A 4 11.86 -36.15 -20.55
CA GLY A 4 10.64 -36.30 -19.68
C GLY A 4 9.34 -36.11 -20.44
N ASN A 5 8.35 -36.92 -20.06
CA ASN A 5 6.99 -36.84 -20.61
C ASN A 5 6.04 -36.40 -19.49
N THR A 6 6.50 -35.51 -18.63
CA THR A 6 5.68 -35.17 -17.46
C THR A 6 4.79 -33.92 -17.66
N THR A 7 3.54 -34.08 -17.23
CA THR A 7 2.64 -32.97 -17.08
C THR A 7 2.29 -32.96 -15.60
N SER A 8 2.27 -31.78 -15.00
CA SER A 8 1.94 -31.65 -13.57
C SER A 8 0.75 -30.72 -13.39
N SER A 9 -0.26 -31.19 -12.68
CA SER A 9 -1.44 -30.38 -12.38
C SER A 9 -1.40 -29.92 -10.93
N VAL A 10 -2.27 -28.97 -10.61
CA VAL A 10 -2.33 -28.36 -9.29
C VAL A 10 -3.80 -27.95 -9.16
N ILE A 11 -4.51 -28.61 -8.26
CA ILE A 11 -5.90 -28.28 -7.98
C ILE A 11 -5.91 -26.88 -7.39
N LEU A 12 -6.87 -26.04 -7.83
CA LEU A 12 -7.04 -24.70 -7.30
C LEU A 12 -8.31 -24.54 -6.50
N THR A 13 -8.31 -23.53 -5.63
CA THR A 13 -9.49 -23.12 -4.88
C THR A 13 -10.10 -21.87 -5.52
N ASN A 14 -11.42 -21.93 -5.71
CA ASN A 14 -12.19 -20.80 -6.17
C ASN A 14 -12.83 -20.09 -4.98
N TYR A 15 -12.35 -18.91 -4.63
CA TYR A 15 -12.99 -18.16 -3.55
C TYR A 15 -13.88 -17.08 -4.13
N MET A 16 -15.20 -17.30 -4.09
CA MET A 16 -16.16 -16.26 -4.46
C MET A 16 -16.06 -15.71 -5.91
N ASP A 17 -15.46 -16.51 -6.82
CA ASP A 17 -15.27 -16.13 -8.21
C ASP A 17 -14.30 -14.95 -8.38
N THR A 18 -13.64 -14.54 -7.29
CA THR A 18 -12.71 -13.38 -7.29
C THR A 18 -11.23 -13.73 -7.04
N GLN A 19 -10.97 -14.86 -6.37
CA GLN A 19 -9.58 -15.29 -6.11
C GLN A 19 -9.41 -16.75 -6.44
N TYR A 20 -8.38 -17.06 -7.22
CA TYR A 20 -8.10 -18.44 -7.61
C TYR A 20 -6.65 -18.74 -7.24
N TYR A 21 -6.49 -19.69 -6.35
CA TYR A 21 -5.20 -20.03 -5.82
C TYR A 21 -5.05 -21.54 -5.51
N GLY A 22 -3.81 -22.00 -5.53
CA GLY A 22 -3.45 -23.37 -5.17
C GLY A 22 -2.20 -23.43 -4.33
N GLU A 23 -1.71 -24.65 -4.12
CA GLU A 23 -0.64 -24.97 -3.17
C GLU A 23 0.75 -25.09 -3.78
N ILE A 24 1.74 -24.41 -3.17
CA ILE A 24 3.15 -24.71 -3.42
C ILE A 24 3.82 -25.01 -2.10
N GLY A 25 4.96 -25.70 -2.16
CA GLY A 25 5.81 -25.89 -1.01
C GLY A 25 7.13 -25.17 -1.19
N ILE A 26 7.62 -24.53 -0.13
CA ILE A 26 8.94 -23.93 -0.15
C ILE A 26 9.83 -24.40 1.02
N GLY A 27 10.99 -24.96 0.68
CA GLY A 27 12.02 -25.27 1.67
C GLY A 27 12.17 -26.75 1.99
N THR A 28 13.06 -27.05 2.94
CA THR A 28 13.25 -28.42 3.44
C THR A 28 13.20 -28.51 4.97
N PRO A 29 12.14 -29.13 5.54
CA PRO A 29 10.93 -29.69 4.90
C PRO A 29 10.03 -28.57 4.33
N PRO A 30 9.09 -28.92 3.42
CA PRO A 30 8.31 -27.91 2.72
C PRO A 30 7.38 -27.08 3.62
N GLN A 31 7.45 -25.76 3.45
CA GLN A 31 6.49 -24.83 4.05
C GLN A 31 5.49 -24.54 2.95
N THR A 32 4.21 -24.83 3.20
CA THR A 32 3.21 -24.74 2.16
C THR A 32 2.51 -23.40 2.12
N PHE A 33 2.29 -22.87 0.91
CA PHE A 33 1.60 -21.58 0.72
C PHE A 33 0.51 -21.69 -0.29
N LYS A 34 -0.57 -20.95 -0.07
CA LYS A 34 -1.60 -20.68 -1.08
C LYS A 34 -1.09 -19.55 -1.96
N VAL A 35 -1.04 -19.79 -3.27
CA VAL A 35 -0.60 -18.78 -4.23
C VAL A 35 -1.52 -18.67 -5.45
N VAL A 36 -1.56 -17.47 -6.01
CA VAL A 36 -2.21 -17.21 -7.26
C VAL A 36 -1.15 -17.37 -8.31
N PHE A 37 -1.48 -18.06 -9.42
CA PHE A 37 -0.57 -18.23 -10.55
C PHE A 37 -0.93 -17.16 -11.60
N ASP A 38 -0.03 -16.17 -11.73
CA ASP A 38 -0.32 -14.83 -12.27
C ASP A 38 0.51 -14.63 -13.54
N THR A 39 -0.13 -14.84 -14.70
CA THR A 39 0.47 -14.52 -16.00
C THR A 39 0.62 -13.00 -16.27
N GLY A 40 0.12 -12.15 -15.37
CA GLY A 40 0.39 -10.70 -15.45
C GLY A 40 1.61 -10.24 -14.65
N SER A 41 2.29 -11.18 -13.99
CA SER A 41 3.54 -10.90 -13.30
C SER A 41 4.49 -12.08 -13.45
N SER A 42 5.73 -11.91 -12.97
CA SER A 42 6.86 -12.80 -13.32
C SER A 42 7.73 -13.23 -12.14
N ASN A 43 7.42 -12.74 -10.94
CA ASN A 43 8.17 -13.08 -9.74
C ASN A 43 7.43 -14.03 -8.84
N VAL A 44 8.14 -14.62 -7.87
CA VAL A 44 7.48 -15.40 -6.82
C VAL A 44 7.63 -14.58 -5.55
N TRP A 45 6.52 -14.30 -4.85
CA TRP A 45 6.56 -13.58 -3.57
C TRP A 45 5.80 -14.32 -2.50
N VAL A 46 6.35 -14.41 -1.31
CA VAL A 46 5.53 -14.86 -0.19
C VAL A 46 5.76 -13.92 0.98
N PRO A 47 4.87 -13.95 1.99
CA PRO A 47 5.27 -13.22 3.23
C PRO A 47 6.53 -13.77 3.93
N SER A 48 7.37 -12.87 4.45
CA SER A 48 8.56 -13.25 5.22
C SER A 48 8.20 -13.42 6.68
N SER A 49 8.95 -14.27 7.37
CA SER A 49 8.83 -14.41 8.82
C SER A 49 9.41 -13.17 9.47
N LYS A 50 10.01 -12.31 8.63
CA LYS A 50 10.57 -11.03 9.01
C LYS A 50 9.57 -9.90 8.78
N CYS A 51 8.35 -10.20 8.36
CA CYS A 51 7.37 -9.13 8.18
C CYS A 51 6.73 -8.86 9.51
N SER A 52 6.89 -7.64 10.00
CA SER A 52 6.34 -7.25 11.30
C SER A 52 4.86 -7.63 11.43
N ARG A 53 4.50 -8.12 12.60
CA ARG A 53 3.10 -8.41 12.94
C ARG A 53 2.25 -7.12 12.95
N LEU A 54 2.90 -5.96 12.85
CA LEU A 54 2.21 -4.68 12.69
C LEU A 54 1.81 -4.35 11.25
N TYR A 55 1.91 -5.35 10.37
CA TYR A 55 1.31 -5.33 9.03
C TYR A 55 0.13 -6.31 8.95
N THR A 56 -1.08 -5.76 8.93
CA THR A 56 -2.32 -6.51 8.79
C THR A 56 -2.24 -7.51 7.64
N ALA A 57 -1.69 -7.07 6.52
CA ALA A 57 -1.51 -7.90 5.34
C ALA A 57 -0.59 -9.13 5.59
N CYS A 58 0.25 -9.05 6.63
CA CYS A 58 1.10 -10.16 7.02
C CYS A 58 0.51 -10.93 8.19
N VAL A 59 -0.11 -10.22 9.12
CA VAL A 59 -0.57 -10.82 10.37
C VAL A 59 -1.51 -12.05 10.25
N TYR A 60 -2.17 -12.26 9.12
CA TYR A 60 -3.06 -13.44 8.96
C TYR A 60 -2.68 -14.45 7.86
N HIS A 61 -1.49 -14.33 7.29
CA HIS A 61 -1.06 -15.29 6.27
C HIS A 61 0.14 -16.01 6.80
N LYS A 62 0.56 -17.03 6.05
CA LYS A 62 1.71 -17.89 6.38
C LYS A 62 3.00 -17.25 5.93
N LEU A 63 4.02 -17.34 6.79
CA LEU A 63 5.27 -16.64 6.54
C LEU A 63 6.39 -17.64 6.31
N PHE A 64 7.26 -17.35 5.33
CA PHE A 64 8.39 -18.25 5.07
C PHE A 64 9.39 -18.00 6.16
N ASP A 65 9.86 -19.07 6.79
CA ASP A 65 10.94 -18.93 7.77
C ASP A 65 12.19 -19.64 7.29
N ALA A 66 13.13 -18.86 6.75
CA ALA A 66 14.36 -19.39 6.18
C ALA A 66 15.15 -20.29 7.15
N SER A 67 15.09 -19.95 8.43
CA SER A 67 15.78 -20.68 9.49
C SER A 67 15.09 -21.96 9.95
N ASP A 68 14.04 -22.38 9.26
CA ASP A 68 13.54 -23.74 9.41
C ASP A 68 13.89 -24.60 8.21
N SER A 69 14.58 -24.00 7.24
CA SER A 69 14.83 -24.65 5.97
C SER A 69 16.31 -24.94 5.75
N SER A 70 16.60 -26.22 5.54
CA SER A 70 17.96 -26.68 5.33
C SER A 70 18.48 -26.49 3.90
N SER A 71 17.60 -26.20 2.94
CA SER A 71 18.02 -25.96 1.57
C SER A 71 18.02 -24.49 1.21
N TYR A 72 17.68 -23.67 2.19
CA TYR A 72 17.68 -22.24 1.99
C TYR A 72 19.07 -21.77 1.65
N LYS A 73 19.15 -20.90 0.66
CA LYS A 73 20.38 -20.17 0.36
C LYS A 73 20.12 -18.66 0.32
N HIS A 74 20.82 -17.93 1.20
CA HIS A 74 20.62 -16.49 1.42
C HIS A 74 21.03 -15.63 0.20
N ASN A 75 20.27 -14.57 -0.06
CA ASN A 75 20.70 -13.56 -1.03
C ASN A 75 20.59 -12.15 -0.46
N GLY A 76 19.38 -11.69 -0.14
CA GLY A 76 19.21 -10.41 0.57
C GLY A 76 19.14 -9.14 -0.26
N THR A 77 19.30 -9.25 -1.58
CA THR A 77 19.02 -8.13 -2.46
C THR A 77 17.61 -7.58 -2.22
N GLU A 78 17.51 -6.33 -1.79
CA GLU A 78 16.22 -5.67 -1.65
C GLU A 78 15.53 -5.55 -3.01
N LEU A 79 14.24 -5.83 -3.06
CA LEU A 79 13.44 -5.58 -4.26
C LEU A 79 12.02 -5.16 -3.98
N THR A 80 11.52 -4.28 -4.86
CA THR A 80 10.29 -3.51 -4.66
C THR A 80 9.28 -3.71 -5.79
N LEU A 81 7.99 -3.71 -5.44
CA LEU A 81 6.91 -3.61 -6.42
C LEU A 81 6.08 -2.37 -6.10
N ARG A 82 5.79 -1.60 -7.15
CA ARG A 82 4.94 -0.42 -7.02
C ARG A 82 3.51 -0.80 -7.32
N TYR A 83 2.76 -1.05 -6.25
CA TYR A 83 1.33 -1.24 -6.32
C TYR A 83 0.64 0.12 -6.12
N SER A 84 -0.56 0.27 -6.65
CA SER A 84 -1.26 1.56 -6.63
C SER A 84 -1.61 2.08 -5.23
N THR A 85 -1.73 1.16 -4.27
CA THR A 85 -2.17 1.46 -2.91
C THR A 85 -0.99 1.61 -1.93
N GLY A 86 0.22 1.57 -2.48
CA GLY A 86 1.44 1.54 -1.69
C GLY A 86 2.41 0.46 -2.14
N THR A 87 3.65 0.57 -1.65
CA THR A 87 4.76 -0.25 -2.13
C THR A 87 4.81 -1.63 -1.44
N VAL A 88 5.08 -2.66 -2.23
CA VAL A 88 5.35 -4.01 -1.69
C VAL A 88 6.86 -4.18 -1.72
N SER A 89 7.48 -4.56 -0.61
CA SER A 89 8.93 -4.83 -0.67
C SER A 89 9.45 -5.95 0.23
N GLY A 90 10.59 -6.51 -0.16
CA GLY A 90 11.26 -7.53 0.62
C GLY A 90 12.60 -7.77 -0.02
N PHE A 91 13.06 -9.02 -0.02
CA PHE A 91 14.41 -9.34 -0.42
C PHE A 91 14.53 -10.73 -1.00
N LEU A 92 15.49 -10.89 -1.89
CA LEU A 92 15.73 -12.16 -2.54
C LEU A 92 16.18 -13.28 -1.61
N SER A 93 15.61 -14.45 -1.84
CA SER A 93 16.01 -15.70 -1.20
C SER A 93 15.98 -16.77 -2.26
N GLN A 94 16.76 -17.81 -2.07
CA GLN A 94 16.69 -18.99 -2.91
C GLN A 94 16.40 -20.20 -2.03
N ASP A 95 15.49 -21.04 -2.50
CA ASP A 95 15.19 -22.30 -1.86
C ASP A 95 14.51 -23.20 -2.89
N ILE A 96 14.20 -24.42 -2.47
CA ILE A 96 13.51 -25.42 -3.29
C ILE A 96 12.01 -25.20 -3.19
N ILE A 97 11.35 -25.17 -4.35
CA ILE A 97 9.91 -25.03 -4.45
C ILE A 97 9.32 -26.16 -5.26
N THR A 98 8.27 -26.76 -4.69
CA THR A 98 7.50 -27.80 -5.34
C THR A 98 6.12 -27.26 -5.75
N VAL A 99 5.85 -27.36 -7.06
CA VAL A 99 4.56 -27.07 -7.68
C VAL A 99 4.10 -28.42 -8.28
N GLY A 100 3.00 -28.94 -7.77
CA GLY A 100 2.57 -30.29 -8.12
C GLY A 100 3.67 -31.34 -7.90
N GLY A 101 3.99 -32.08 -8.96
CA GLY A 101 5.01 -33.13 -8.85
C GLY A 101 6.40 -32.61 -9.16
N ILE A 102 6.54 -31.30 -9.27
CA ILE A 102 7.77 -30.68 -9.79
C ILE A 102 8.52 -29.91 -8.72
N THR A 103 9.85 -30.12 -8.69
CA THR A 103 10.74 -29.48 -7.72
C THR A 103 11.73 -28.62 -8.50
N VAL A 104 11.89 -27.38 -8.04
CA VAL A 104 12.81 -26.49 -8.71
C VAL A 104 13.48 -25.56 -7.70
N THR A 105 14.77 -25.30 -7.89
CA THR A 105 15.47 -24.30 -7.11
C THR A 105 15.13 -22.98 -7.77
N GLN A 106 14.75 -22.01 -6.95
CA GLN A 106 14.10 -20.83 -7.43
C GLN A 106 14.43 -19.63 -6.56
N MET A 107 14.78 -18.52 -7.17
CA MET A 107 14.90 -17.26 -6.44
C MET A 107 13.49 -16.72 -6.29
N PHE A 108 13.15 -16.30 -5.07
CA PHE A 108 11.83 -15.72 -4.78
C PHE A 108 11.98 -14.58 -3.80
N GLY A 109 11.00 -13.66 -3.77
CA GLY A 109 11.05 -12.54 -2.84
C GLY A 109 10.29 -12.76 -1.54
N GLU A 110 10.94 -12.48 -0.40
CA GLU A 110 10.28 -12.54 0.92
C GLU A 110 9.83 -11.13 1.28
N VAL A 111 8.54 -10.95 1.55
CA VAL A 111 7.98 -9.61 1.74
C VAL A 111 8.04 -9.23 3.21
N THR A 112 8.52 -8.01 3.49
CA THR A 112 8.66 -7.49 4.85
C THR A 112 7.77 -6.29 5.10
N GLU A 113 7.09 -5.84 4.05
CA GLU A 113 6.07 -4.81 4.18
C GLU A 113 5.25 -4.68 2.92
N MET A 114 3.96 -4.51 3.12
CA MET A 114 3.00 -4.33 2.04
C MET A 114 1.80 -3.50 2.54
N PRO A 115 1.00 -2.95 1.62
CA PRO A 115 -0.20 -2.24 2.05
C PRO A 115 -1.24 -3.21 2.60
N ALA A 116 -1.99 -2.75 3.60
CA ALA A 116 -3.03 -3.58 4.21
C ALA A 116 -4.10 -3.90 3.17
N LEU A 117 -4.36 -2.88 2.34
CA LEU A 117 -5.26 -2.99 1.22
C LEU A 117 -4.47 -3.03 -0.08
N PRO A 118 -4.77 -3.99 -0.97
CA PRO A 118 -5.83 -4.96 -0.84
C PRO A 118 -5.40 -6.28 -0.17
N PHE A 119 -4.14 -6.35 0.27
CA PHE A 119 -3.53 -7.63 0.59
C PHE A 119 -4.07 -8.38 1.81
N MET A 120 -4.72 -7.66 2.72
CA MET A 120 -5.28 -8.32 3.89
C MET A 120 -6.54 -9.14 3.57
N LEU A 121 -7.12 -8.90 2.40
CA LEU A 121 -8.36 -9.54 1.97
C LEU A 121 -8.08 -10.73 1.06
N ALA A 122 -6.83 -10.86 0.61
CA ALA A 122 -6.36 -12.05 -0.11
C ALA A 122 -6.53 -13.29 0.76
N GLU A 123 -7.25 -14.28 0.25
CA GLU A 123 -7.40 -15.56 0.96
C GLU A 123 -6.20 -16.50 0.83
N PHE A 124 -5.28 -16.10 -0.03
CA PHE A 124 -4.04 -16.83 -0.32
C PHE A 124 -2.88 -16.02 0.25
N ASP A 125 -1.71 -16.63 0.29
CA ASP A 125 -0.57 -16.11 1.01
C ASP A 125 0.39 -15.39 0.07
N GLY A 126 0.39 -15.77 -1.20
CA GLY A 126 1.40 -15.28 -2.12
C GLY A 126 1.10 -15.43 -3.59
N VAL A 127 2.18 -15.40 -4.37
CA VAL A 127 2.08 -15.30 -5.83
C VAL A 127 3.25 -15.97 -6.54
N VAL A 128 2.90 -16.72 -7.58
CA VAL A 128 3.87 -17.29 -8.48
C VAL A 128 3.60 -16.62 -9.83
N GLY A 129 4.50 -15.74 -10.27
CA GLY A 129 4.33 -15.11 -11.58
C GLY A 129 4.68 -16.09 -12.69
N MET A 130 3.80 -16.18 -13.68
CA MET A 130 3.99 -17.11 -14.77
C MET A 130 4.30 -16.36 -16.04
N GLY A 131 4.73 -15.10 -15.91
CA GLY A 131 5.10 -14.31 -17.08
C GLY A 131 6.58 -14.45 -17.35
N PHE A 132 7.10 -13.50 -18.14
CA PHE A 132 8.41 -13.55 -18.81
C PHE A 132 9.49 -12.82 -18.03
N ILE A 133 10.73 -13.27 -18.18
CA ILE A 133 11.88 -12.61 -17.54
C ILE A 133 11.92 -11.09 -17.77
N GLU A 134 11.39 -10.62 -18.90
CA GLU A 134 11.35 -9.19 -19.20
C GLU A 134 10.58 -8.40 -18.18
N GLN A 135 9.53 -9.00 -17.65
CA GLN A 135 8.66 -8.31 -16.70
C GLN A 135 9.03 -8.58 -15.24
N ALA A 136 10.07 -9.40 -15.04
CA ALA A 136 10.55 -9.76 -13.72
C ALA A 136 11.30 -8.64 -13.06
N ILE A 137 10.94 -8.40 -11.81
CA ILE A 137 11.59 -7.37 -11.02
C ILE A 137 12.97 -7.87 -10.61
N GLY A 138 13.98 -7.05 -10.89
CA GLY A 138 15.38 -7.44 -10.69
C GLY A 138 15.82 -8.50 -11.69
N ARG A 139 15.06 -8.69 -12.76
CA ARG A 139 15.38 -9.67 -13.80
C ARG A 139 15.71 -11.06 -13.20
N VAL A 140 14.98 -11.42 -12.13
CA VAL A 140 15.11 -12.74 -11.48
C VAL A 140 14.46 -13.77 -12.42
N THR A 141 15.15 -14.89 -12.66
CA THR A 141 14.60 -15.97 -13.49
C THR A 141 13.28 -16.47 -12.92
N PRO A 142 12.21 -16.39 -13.71
CA PRO A 142 10.89 -16.87 -13.29
C PRO A 142 10.81 -18.38 -13.24
N ILE A 143 9.86 -18.88 -12.44
CA ILE A 143 9.77 -20.30 -12.14
C ILE A 143 9.58 -21.20 -13.36
N PHE A 144 8.71 -20.81 -14.29
CA PHE A 144 8.50 -21.62 -15.49
C PHE A 144 9.71 -21.60 -16.42
N ASP A 145 10.51 -20.56 -16.37
CA ASP A 145 11.81 -20.60 -17.05
C ASP A 145 12.68 -21.72 -16.48
N ASN A 146 12.77 -21.76 -15.16
CA ASN A 146 13.44 -22.86 -14.44
C ASN A 146 12.83 -24.26 -14.62
N ILE A 147 11.52 -24.33 -14.79
CA ILE A 147 10.91 -25.61 -15.10
C ILE A 147 11.27 -26.08 -16.53
N ILE A 148 11.18 -25.19 -17.50
CA ILE A 148 11.67 -25.46 -18.86
C ILE A 148 13.15 -25.96 -18.92
N SER A 149 14.06 -25.30 -18.19
CA SER A 149 15.47 -25.69 -18.08
C SER A 149 15.74 -27.06 -17.43
N GLN A 150 14.75 -27.62 -16.74
CA GLN A 150 14.87 -28.99 -16.22
C GLN A 150 14.67 -29.99 -17.33
N GLY A 151 14.08 -29.51 -18.43
CA GLY A 151 13.72 -30.32 -19.57
C GLY A 151 12.95 -31.59 -19.27
N VAL A 152 12.00 -31.53 -18.34
CA VAL A 152 11.22 -32.73 -17.96
C VAL A 152 9.75 -32.67 -18.39
N LEU A 153 9.34 -31.53 -18.94
CA LEU A 153 7.97 -31.33 -19.40
C LEU A 153 7.74 -31.89 -20.80
N LYS A 154 6.51 -32.31 -21.05
CA LYS A 154 6.08 -32.81 -22.36
C LYS A 154 6.06 -31.69 -23.39
N GLU A 155 5.56 -30.52 -23.01
CA GLU A 155 5.52 -29.36 -23.90
C GLU A 155 5.76 -28.11 -23.09
N ASP A 156 6.35 -27.09 -23.69
CA ASP A 156 6.63 -25.83 -22.99
C ASP A 156 5.38 -24.96 -22.95
N VAL A 157 4.33 -25.49 -22.33
CA VAL A 157 3.06 -24.82 -22.19
C VAL A 157 2.52 -25.05 -20.78
N PHE A 158 1.62 -24.18 -20.37
CA PHE A 158 0.84 -24.38 -19.16
C PHE A 158 -0.55 -23.85 -19.43
N SER A 159 -1.56 -24.51 -18.86
CA SER A 159 -2.97 -24.23 -19.13
C SER A 159 -3.73 -23.91 -17.84
N PHE A 160 -4.77 -23.09 -17.96
CA PHE A 160 -5.60 -22.75 -16.79
C PHE A 160 -7.05 -23.21 -16.97
N TYR A 161 -7.60 -23.88 -15.97
CA TYR A 161 -9.04 -24.00 -15.89
C TYR A 161 -9.51 -23.23 -14.66
N TYR A 162 -10.53 -22.40 -14.81
CA TYR A 162 -11.20 -21.74 -13.68
C TYR A 162 -12.69 -22.14 -13.65
N ASN A 163 -13.09 -22.95 -12.67
CA ASN A 163 -14.51 -23.29 -12.43
C ASN A 163 -15.34 -22.07 -12.01
N ARG A 164 -16.66 -22.23 -11.95
CA ARG A 164 -17.56 -21.22 -11.39
C ARG A 164 -18.06 -21.70 -10.03
N ASP A 165 -18.38 -20.77 -9.14
CA ASP A 165 -18.74 -21.12 -7.77
C ASP A 165 -20.01 -21.97 -7.68
N SER B 1 -16.82 -30.62 -5.94
CA SER B 1 -16.62 -29.31 -6.56
C SER B 1 -15.15 -28.92 -6.61
N LEU B 2 -14.60 -28.86 -7.81
CA LEU B 2 -13.24 -28.44 -8.08
C LEU B 2 -13.22 -26.95 -8.42
N GLY B 3 -12.40 -26.17 -7.74
CA GLY B 3 -12.38 -24.71 -7.92
C GLY B 3 -11.70 -24.24 -9.21
N GLY B 4 -10.84 -25.09 -9.76
CA GLY B 4 -10.07 -24.82 -10.98
C GLY B 4 -8.83 -25.70 -11.06
N GLN B 5 -7.98 -25.45 -12.04
CA GLN B 5 -6.78 -26.30 -12.28
C GLN B 5 -5.73 -25.71 -13.22
N ILE B 6 -4.46 -25.78 -12.82
CA ILE B 6 -3.36 -25.46 -13.73
C ILE B 6 -2.67 -26.76 -14.15
N VAL B 7 -2.30 -26.83 -15.43
CA VAL B 7 -1.51 -27.92 -15.95
C VAL B 7 -0.19 -27.36 -16.44
N LEU B 8 0.91 -27.85 -15.89
CA LEU B 8 2.23 -27.58 -16.40
C LEU B 8 2.59 -28.72 -17.32
N GLY B 9 2.87 -28.39 -18.57
CA GLY B 9 3.33 -29.35 -19.54
C GLY B 9 2.30 -29.69 -20.59
N GLY B 10 1.06 -29.28 -20.35
CA GLY B 10 -0.04 -29.60 -21.26
C GLY B 10 -1.36 -28.98 -20.86
N SER B 11 -2.44 -29.61 -21.26
CA SER B 11 -3.77 -29.10 -21.02
C SER B 11 -4.61 -30.25 -20.57
N ASP B 12 -5.76 -29.94 -20.00
CA ASP B 12 -6.65 -30.99 -19.63
C ASP B 12 -7.96 -30.95 -20.45
N PRO B 13 -8.12 -31.94 -21.36
CA PRO B 13 -9.28 -32.05 -22.26
C PRO B 13 -10.57 -32.27 -21.48
N GLN B 14 -10.43 -32.73 -20.24
CA GLN B 14 -11.60 -33.01 -19.42
C GLN B 14 -12.32 -31.71 -19.06
N HIS B 15 -11.62 -30.59 -19.20
CA HIS B 15 -12.14 -29.28 -18.77
C HIS B 15 -12.32 -28.23 -19.87
N TYR B 16 -12.16 -28.64 -21.13
CA TYR B 16 -12.54 -27.81 -22.28
C TYR B 16 -13.18 -28.59 -23.43
N GLU B 17 -13.71 -27.86 -24.41
CA GLU B 17 -14.25 -28.55 -25.57
C GLU B 17 -13.86 -28.01 -26.93
N GLY B 18 -14.02 -28.85 -27.94
CA GLY B 18 -13.59 -28.51 -29.27
C GLY B 18 -12.08 -28.45 -29.30
N ASN B 19 -11.56 -27.49 -30.05
CA ASN B 19 -10.13 -27.36 -30.22
C ASN B 19 -9.69 -25.95 -29.89
N PHE B 20 -8.46 -25.83 -29.44
CA PHE B 20 -7.84 -24.55 -29.19
C PHE B 20 -7.82 -23.73 -30.45
N HIS B 21 -8.18 -22.46 -30.33
CA HIS B 21 -7.85 -21.45 -31.32
C HIS B 21 -6.74 -20.60 -30.73
N TYR B 22 -5.75 -20.27 -31.55
CA TYR B 22 -4.55 -19.59 -31.03
C TYR B 22 -4.38 -18.19 -31.57
N ILE B 23 -3.67 -17.36 -30.82
CA ILE B 23 -3.32 -16.00 -31.23
C ILE B 23 -1.85 -15.73 -30.88
N ASN B 24 -1.02 -15.40 -31.87
CA ASN B 24 0.35 -14.94 -31.61
C ASN B 24 0.40 -13.83 -30.58
N LEU B 25 1.46 -13.81 -29.76
CA LEU B 25 1.70 -12.65 -28.93
C LEU B 25 2.24 -11.56 -29.86
N ILE B 26 1.99 -10.30 -29.49
CA ILE B 26 2.52 -9.15 -30.22
C ILE B 26 4.03 -9.11 -30.09
N LYS B 27 4.51 -9.23 -28.84
CA LYS B 27 5.92 -9.40 -28.54
C LYS B 27 6.06 -10.44 -27.44
N THR B 28 7.14 -11.22 -27.51
CA THR B 28 7.59 -12.03 -26.39
C THR B 28 7.98 -11.01 -25.35
N GLY B 29 7.85 -11.37 -24.08
CA GLY B 29 8.02 -10.40 -23.00
C GLY B 29 6.81 -10.28 -22.11
N VAL B 30 5.63 -10.29 -22.71
CA VAL B 30 4.37 -10.07 -21.99
C VAL B 30 3.30 -10.99 -22.58
N TRP B 31 2.46 -11.57 -21.71
CA TRP B 31 1.33 -12.37 -22.16
C TRP B 31 0.18 -11.53 -22.68
N GLN B 32 0.44 -10.82 -23.77
CA GLN B 32 -0.49 -9.87 -24.38
C GLN B 32 -0.71 -10.15 -25.87
N ILE B 33 -1.96 -10.13 -26.29
CA ILE B 33 -2.34 -10.28 -27.68
C ILE B 33 -3.11 -9.04 -28.20
N GLN B 34 -3.19 -8.93 -29.53
CA GLN B 34 -4.00 -7.94 -30.22
C GLN B 34 -5.50 -8.21 -30.11
N MET B 35 -6.25 -7.18 -29.76
CA MET B 35 -7.71 -7.25 -29.79
C MET B 35 -8.24 -6.38 -30.95
N LYS B 36 -9.29 -6.85 -31.61
CA LYS B 36 -9.84 -6.20 -32.79
C LYS B 36 -11.23 -5.61 -32.61
N GLY B 37 -11.69 -5.53 -31.37
CA GLY B 37 -13.01 -4.92 -31.08
C GLY B 37 -13.76 -5.56 -29.94
N VAL B 38 -14.43 -4.71 -29.18
CA VAL B 38 -15.31 -5.15 -28.11
C VAL B 38 -16.76 -4.83 -28.50
N SER B 39 -17.59 -5.88 -28.60
CA SER B 39 -19.02 -5.73 -28.90
C SER B 39 -19.89 -5.59 -27.66
N VAL B 40 -20.96 -4.83 -27.79
CA VAL B 40 -22.06 -4.89 -26.81
C VAL B 40 -23.36 -5.11 -27.56
N GLY B 41 -23.84 -6.33 -27.53
CA GLY B 41 -24.90 -6.77 -28.44
C GLY B 41 -24.22 -7.26 -29.70
N SER B 42 -24.82 -7.03 -30.86
CA SER B 42 -24.14 -7.38 -32.11
C SER B 42 -23.38 -6.20 -32.74
N SER B 43 -23.27 -5.10 -32.00
CA SER B 43 -22.58 -3.90 -32.49
C SER B 43 -21.23 -3.66 -31.81
N THR B 44 -20.26 -3.17 -32.58
CA THR B 44 -18.92 -2.89 -32.05
C THR B 44 -18.83 -1.48 -31.47
N LEU B 45 -19.00 -1.41 -30.15
CA LEU B 45 -18.93 -0.15 -29.42
C LEU B 45 -17.50 0.38 -29.30
N LEU B 46 -16.53 -0.53 -29.26
CA LEU B 46 -15.17 -0.19 -28.80
C LEU B 46 -14.08 -0.96 -29.52
N CYS B 47 -12.85 -0.48 -29.34
CA CYS B 47 -11.63 -1.14 -29.81
C CYS B 47 -11.69 -1.34 -31.34
N GLU B 48 -12.25 -0.35 -32.01
CA GLU B 48 -12.65 -0.46 -33.42
C GLU B 48 -11.44 -0.42 -34.35
N ASP B 49 -10.35 0.20 -33.88
CA ASP B 49 -9.12 0.37 -34.63
C ASP B 49 -8.00 -0.50 -34.06
N GLY B 50 -8.38 -1.64 -33.50
CA GLY B 50 -7.45 -2.49 -32.76
C GLY B 50 -7.04 -1.91 -31.42
N CYS B 51 -6.74 -2.79 -30.48
CA CYS B 51 -6.28 -2.40 -29.14
C CYS B 51 -5.68 -3.66 -28.52
N LEU B 52 -5.10 -3.55 -27.32
CA LEU B 52 -4.37 -4.69 -26.73
C LEU B 52 -5.11 -5.37 -25.60
N ALA B 53 -4.81 -6.65 -25.44
CA ALA B 53 -5.45 -7.47 -24.43
C ALA B 53 -4.40 -8.36 -23.72
N LEU B 54 -4.26 -8.10 -22.42
CA LEU B 54 -3.39 -8.87 -21.57
C LEU B 54 -4.20 -10.04 -21.09
N VAL B 55 -3.62 -11.24 -21.13
CA VAL B 55 -4.33 -12.40 -20.60
C VAL B 55 -3.81 -12.73 -19.21
N ASP B 56 -4.51 -12.19 -18.21
CA ASP B 56 -4.07 -12.11 -16.82
C ASP B 56 -4.80 -13.07 -15.87
N THR B 57 -4.18 -14.21 -15.64
CA THR B 57 -4.76 -15.18 -14.72
C THR B 57 -4.85 -14.72 -13.26
N GLY B 58 -3.94 -13.85 -12.82
CA GLY B 58 -3.96 -13.28 -11.46
C GLY B 58 -4.87 -12.06 -11.27
N ALA B 59 -5.78 -11.85 -12.21
CA ALA B 59 -6.76 -10.78 -12.05
C ALA B 59 -8.16 -11.39 -11.89
N SER B 60 -8.98 -10.84 -11.00
CA SER B 60 -10.35 -11.30 -10.84
C SER B 60 -11.23 -10.95 -12.03
N TYR B 61 -11.01 -9.77 -12.59
CA TYR B 61 -12.00 -9.20 -13.48
C TYR B 61 -11.50 -8.90 -14.90
N ILE B 62 -12.43 -8.60 -15.79
CA ILE B 62 -12.08 -8.06 -17.10
C ILE B 62 -11.89 -6.54 -16.92
N SER B 63 -10.75 -6.00 -17.35
CA SER B 63 -10.55 -4.56 -17.21
C SER B 63 -10.24 -3.82 -18.52
N GLY B 64 -10.78 -2.62 -18.63
CA GLY B 64 -10.40 -1.70 -19.70
C GLY B 64 -9.88 -0.42 -19.09
N SER B 65 -9.49 0.51 -19.95
CA SER B 65 -9.12 1.85 -19.53
C SER B 65 -10.33 2.51 -18.88
N THR B 66 -10.11 3.55 -18.08
CA THR B 66 -11.25 4.28 -17.49
C THR B 66 -12.15 4.83 -18.59
N SER B 67 -11.54 5.34 -19.66
CA SER B 67 -12.30 5.92 -20.77
C SER B 67 -13.13 4.87 -21.52
N SER B 68 -12.56 3.68 -21.69
CA SER B 68 -13.25 2.58 -22.38
C SER B 68 -14.42 2.09 -21.54
N ILE B 69 -14.17 1.84 -20.26
CA ILE B 69 -15.17 1.22 -19.43
C ILE B 69 -16.32 2.21 -19.14
N GLU B 70 -16.03 3.51 -19.05
CA GLU B 70 -17.10 4.53 -18.95
C GLU B 70 -18.12 4.37 -20.08
N LYS B 71 -17.59 4.20 -21.29
CA LYS B 71 -18.37 3.91 -22.50
C LYS B 71 -19.09 2.56 -22.44
N LEU B 72 -18.36 1.48 -22.16
CA LEU B 72 -18.98 0.16 -21.99
C LEU B 72 -20.11 0.25 -20.99
N MET B 73 -19.87 0.95 -19.89
CA MET B 73 -20.85 1.03 -18.81
C MET B 73 -22.07 1.87 -19.16
N GLU B 74 -21.85 3.00 -19.83
CA GLU B 74 -22.91 3.77 -20.48
C GLU B 74 -23.90 2.84 -21.18
N ALA B 75 -23.36 2.01 -22.09
CA ALA B 75 -24.12 1.10 -22.90
C ALA B 75 -24.88 0.02 -22.12
N LEU B 76 -24.47 -0.24 -20.88
CA LEU B 76 -25.14 -1.26 -20.07
C LEU B 76 -26.14 -0.68 -19.07
N GLY B 77 -26.23 0.65 -19.03
CA GLY B 77 -27.08 1.36 -18.07
C GLY B 77 -26.55 1.29 -16.65
N ALA B 78 -25.30 0.84 -16.52
CA ALA B 78 -24.66 0.56 -15.23
C ALA B 78 -24.23 1.82 -14.51
N LYS B 79 -24.27 1.78 -13.18
CA LYS B 79 -23.91 2.95 -12.37
C LYS B 79 -22.52 2.89 -11.71
N LYS B 80 -21.82 4.01 -11.74
CA LYS B 80 -20.48 4.13 -11.19
C LYS B 80 -20.49 4.25 -9.67
N ARG B 81 -19.74 3.37 -9.01
CA ARG B 81 -19.47 3.48 -7.58
C ARG B 81 -17.96 3.65 -7.34
N LEU B 82 -17.58 3.82 -6.08
CA LEU B 82 -16.19 4.03 -5.71
C LEU B 82 -15.25 2.95 -6.25
N PHE B 83 -15.76 1.72 -6.33
CA PHE B 83 -14.90 0.57 -6.63
C PHE B 83 -15.39 -0.28 -7.77
N ASP B 84 -16.67 -0.13 -8.11
CA ASP B 84 -17.33 -1.05 -9.02
C ASP B 84 -18.49 -0.41 -9.77
N TYR B 85 -18.99 -1.13 -10.77
CA TYR B 85 -20.20 -0.75 -11.44
C TYR B 85 -21.33 -1.67 -11.05
N VAL B 86 -22.52 -1.11 -10.90
CA VAL B 86 -23.67 -1.91 -10.57
C VAL B 86 -24.80 -1.64 -11.52
N VAL B 87 -25.65 -2.65 -11.64
CA VAL B 87 -26.97 -2.51 -12.25
C VAL B 87 -28.00 -2.90 -11.18
N LYS B 88 -29.27 -2.61 -11.43
CA LYS B 88 -30.34 -3.03 -10.52
C LYS B 88 -30.54 -4.50 -10.82
N CYS B 89 -30.66 -5.29 -9.77
CA CYS B 89 -30.54 -6.74 -9.86
C CYS B 89 -31.49 -7.39 -10.85
N ASN B 90 -32.71 -6.86 -10.94
CA ASN B 90 -33.72 -7.34 -11.88
C ASN B 90 -33.37 -7.21 -13.37
N GLU B 91 -32.41 -6.34 -13.71
CA GLU B 91 -31.98 -6.26 -15.11
C GLU B 91 -30.71 -7.03 -15.47
N GLY B 92 -29.97 -7.51 -14.49
CA GLY B 92 -28.89 -8.45 -14.77
C GLY B 92 -29.20 -9.43 -15.90
N PRO B 93 -30.30 -10.21 -15.78
CA PRO B 93 -30.54 -11.30 -16.73
C PRO B 93 -30.84 -10.89 -18.18
N THR B 94 -31.10 -9.60 -18.40
CA THR B 94 -31.47 -9.08 -19.72
C THR B 94 -30.34 -8.29 -20.34
N LEU B 95 -29.31 -8.02 -19.55
CA LEU B 95 -28.14 -7.33 -20.03
C LEU B 95 -27.60 -8.01 -21.30
N PRO B 96 -27.08 -7.21 -22.24
CA PRO B 96 -26.64 -7.80 -23.50
C PRO B 96 -25.31 -8.58 -23.40
N ASP B 97 -25.16 -9.55 -24.29
CA ASP B 97 -23.90 -10.19 -24.57
C ASP B 97 -22.76 -9.18 -24.77
N ILE B 98 -21.56 -9.51 -24.28
CA ILE B 98 -20.37 -8.71 -24.57
C ILE B 98 -19.35 -9.60 -25.29
N SER B 99 -18.86 -9.14 -26.44
CA SER B 99 -17.95 -9.96 -27.25
C SER B 99 -16.56 -9.37 -27.46
N PHE B 100 -15.56 -10.24 -27.40
CA PHE B 100 -14.18 -9.83 -27.58
C PHE B 100 -13.64 -10.47 -28.84
N HIS B 101 -13.25 -9.61 -29.79
CA HIS B 101 -12.73 -10.04 -31.07
C HIS B 101 -11.24 -10.40 -30.97
N LEU B 102 -10.96 -11.70 -31.07
CA LEU B 102 -9.62 -12.18 -30.78
C LEU B 102 -9.20 -13.24 -31.77
N GLY B 103 -8.19 -12.90 -32.56
CA GLY B 103 -7.75 -13.78 -33.65
C GLY B 103 -8.88 -13.88 -34.67
N GLY B 104 -9.32 -15.10 -34.95
CA GLY B 104 -10.35 -15.28 -35.97
C GLY B 104 -11.77 -15.16 -35.48
N LYS B 105 -11.94 -14.97 -34.17
CA LYS B 105 -13.19 -15.27 -33.48
C LYS B 105 -13.74 -14.18 -32.59
N GLU B 106 -15.04 -14.30 -32.34
CA GLU B 106 -15.70 -13.55 -31.30
C GLU B 106 -15.69 -14.43 -30.05
N TYR B 107 -15.32 -13.81 -28.94
CA TYR B 107 -15.34 -14.42 -27.63
C TYR B 107 -16.43 -13.77 -26.80
N THR B 108 -17.54 -14.49 -26.67
CA THR B 108 -18.80 -13.93 -26.16
C THR B 108 -19.12 -14.37 -24.75
N LEU B 109 -19.30 -13.37 -23.90
CA LEU B 109 -19.82 -13.58 -22.57
C LEU B 109 -21.27 -13.10 -22.53
N THR B 110 -22.13 -13.89 -21.91
CA THR B 110 -23.49 -13.47 -21.60
C THR B 110 -23.52 -12.81 -20.21
N SER B 111 -24.72 -12.39 -19.77
CA SER B 111 -24.87 -11.72 -18.45
C SER B 111 -24.56 -12.68 -17.31
N ALA B 112 -24.91 -13.95 -17.50
CA ALA B 112 -24.51 -15.00 -16.56
C ALA B 112 -23.00 -15.08 -16.36
N ASP B 113 -22.25 -14.58 -17.34
CA ASP B 113 -20.80 -14.63 -17.28
C ASP B 113 -20.19 -13.43 -16.58
N TYR B 114 -20.91 -12.31 -16.54
CA TYR B 114 -20.35 -11.08 -15.93
C TYR B 114 -21.21 -10.34 -14.87
N VAL B 115 -22.45 -10.77 -14.63
CA VAL B 115 -23.22 -10.17 -13.54
C VAL B 115 -23.23 -11.09 -12.31
N PHE B 116 -22.91 -10.52 -11.14
CA PHE B 116 -23.04 -11.26 -9.89
C PHE B 116 -24.50 -11.19 -9.49
N GLN B 117 -25.24 -12.21 -9.90
CA GLN B 117 -26.67 -12.28 -9.70
C GLN B 117 -26.98 -12.74 -8.27
N GLU B 118 -26.85 -11.80 -7.34
CA GLU B 118 -26.96 -12.06 -5.91
C GLU B 118 -28.42 -11.91 -5.50
N SER B 119 -29.19 -11.25 -6.36
CA SER B 119 -30.60 -11.06 -6.14
C SER B 119 -31.24 -10.85 -7.48
N TYR B 120 -32.58 -10.84 -7.51
CA TYR B 120 -33.39 -10.47 -8.68
C TYR B 120 -34.30 -9.27 -8.44
N SER B 121 -34.12 -8.63 -7.29
CA SER B 121 -34.99 -7.55 -6.85
C SER B 121 -34.56 -6.21 -7.44
N SER B 122 -35.54 -5.43 -7.88
CA SER B 122 -35.30 -4.06 -8.32
C SER B 122 -34.89 -3.14 -7.16
N LYS B 123 -35.12 -3.58 -5.93
CA LYS B 123 -34.71 -2.80 -4.76
C LYS B 123 -33.22 -2.99 -4.44
N LYS B 124 -32.60 -3.98 -5.10
CA LYS B 124 -31.22 -4.40 -4.80
C LYS B 124 -30.29 -4.26 -6.02
N LEU B 125 -29.06 -3.81 -5.79
CA LEU B 125 -28.05 -3.62 -6.85
C LEU B 125 -27.03 -4.76 -6.95
N CYS B 126 -26.80 -5.22 -8.19
CA CYS B 126 -25.83 -6.26 -8.50
C CYS B 126 -24.51 -5.76 -9.14
N THR B 127 -23.37 -6.22 -8.62
CA THR B 127 -22.05 -5.90 -9.22
C THR B 127 -21.79 -6.57 -10.57
N LEU B 128 -20.97 -5.89 -11.38
CA LEU B 128 -20.48 -6.41 -12.65
C LEU B 128 -19.02 -6.86 -12.52
N ALA B 129 -18.69 -7.99 -13.14
CA ALA B 129 -17.33 -8.55 -13.14
C ALA B 129 -16.36 -7.89 -14.13
N ILE B 130 -16.50 -6.56 -14.27
CA ILE B 130 -15.73 -5.73 -15.19
C ILE B 130 -15.45 -4.38 -14.51
N HIS B 131 -14.18 -3.96 -14.54
N HIS B 131 -14.18 -3.98 -14.45
CA HIS B 131 -13.73 -2.76 -13.84
CA HIS B 131 -13.82 -2.72 -13.82
C HIS B 131 -12.87 -1.87 -14.74
C HIS B 131 -12.75 -1.92 -14.57
N ALA B 132 -12.72 -0.61 -14.34
CA ALA B 132 -11.74 0.28 -14.94
C ALA B 132 -10.42 0.15 -14.19
N MET B 133 -9.34 -0.16 -14.91
CA MET B 133 -7.99 -0.03 -14.40
C MET B 133 -7.12 0.50 -15.52
N ASP B 134 -6.38 1.56 -15.23
CA ASP B 134 -5.46 2.11 -16.21
C ASP B 134 -4.07 1.58 -15.97
N ILE B 135 -3.60 0.79 -16.92
CA ILE B 135 -2.32 0.13 -16.81
C ILE B 135 -1.29 0.98 -17.55
N PRO B 136 -0.19 1.34 -16.87
CA PRO B 136 0.79 2.27 -17.47
C PRO B 136 1.79 1.56 -18.40
N PRO B 137 2.40 2.30 -19.34
CA PRO B 137 3.54 1.78 -20.12
C PRO B 137 4.59 1.11 -19.22
N PRO B 138 5.15 -0.03 -19.67
CA PRO B 138 5.09 -0.57 -21.04
C PRO B 138 3.76 -1.27 -21.40
N THR B 139 3.34 -2.22 -20.55
CA THR B 139 2.18 -3.08 -20.80
C THR B 139 0.94 -2.32 -21.28
N GLY B 140 0.57 -1.27 -20.56
CA GLY B 140 -0.65 -0.51 -20.82
C GLY B 140 -0.39 0.80 -21.53
N PRO B 141 -1.46 1.51 -21.97
CA PRO B 141 -2.89 1.15 -21.88
C PRO B 141 -3.26 -0.16 -22.58
N THR B 142 -3.93 -1.04 -21.84
CA THR B 142 -4.38 -2.30 -22.38
C THR B 142 -5.67 -2.69 -21.68
N TRP B 143 -6.48 -3.50 -22.36
CA TRP B 143 -7.45 -4.30 -21.63
C TRP B 143 -6.71 -5.43 -20.94
N ALA B 144 -7.36 -6.02 -19.96
CA ALA B 144 -6.88 -7.22 -19.32
C ALA B 144 -8.04 -8.21 -19.21
N LEU B 145 -7.84 -9.43 -19.70
CA LEU B 145 -8.86 -10.47 -19.64
C LEU B 145 -8.55 -11.37 -18.45
N GLY B 146 -9.13 -11.05 -17.28
CA GLY B 146 -8.92 -11.80 -16.04
C GLY B 146 -9.83 -13.02 -15.89
N ALA B 147 -10.22 -13.34 -14.65
CA ALA B 147 -10.91 -14.59 -14.34
C ALA B 147 -12.32 -14.65 -14.89
N THR B 148 -12.88 -13.46 -15.09
CA THR B 148 -14.19 -13.33 -15.73
C THR B 148 -14.16 -13.94 -17.11
N PHE B 149 -13.04 -13.77 -17.80
CA PHE B 149 -12.87 -14.28 -19.17
C PHE B 149 -12.37 -15.73 -19.11
N ILE B 150 -11.37 -15.96 -18.28
CA ILE B 150 -10.81 -17.29 -18.13
C ILE B 150 -11.79 -18.36 -17.64
N ARG B 151 -12.79 -17.98 -16.82
CA ARG B 151 -13.87 -18.92 -16.45
C ARG B 151 -14.64 -19.45 -17.67
N LYS B 152 -14.86 -18.58 -18.66
CA LYS B 152 -15.57 -19.04 -19.83
C LYS B 152 -14.65 -19.75 -20.82
N PHE B 153 -13.39 -19.32 -20.89
CA PHE B 153 -12.48 -19.77 -21.94
C PHE B 153 -11.18 -20.37 -21.37
N TYR B 154 -11.21 -21.71 -21.22
CA TYR B 154 -10.02 -22.51 -20.89
C TYR B 154 -8.81 -22.00 -21.67
N THR B 155 -7.66 -21.86 -21.02
CA THR B 155 -6.57 -21.10 -21.65
C THR B 155 -5.19 -21.74 -21.57
N GLU B 156 -4.52 -21.78 -22.72
CA GLU B 156 -3.19 -22.35 -22.81
C GLU B 156 -2.19 -21.27 -23.08
N PHE B 157 -1.15 -21.23 -22.27
CA PHE B 157 -0.09 -20.26 -22.48
C PHE B 157 1.10 -21.05 -22.99
N ASP B 158 1.50 -20.77 -24.23
CA ASP B 158 2.43 -21.61 -24.98
C ASP B 158 3.75 -20.90 -25.24
N ARG B 159 4.78 -21.30 -24.51
CA ARG B 159 6.09 -20.65 -24.61
C ARG B 159 6.94 -21.00 -25.86
N ARG B 160 6.95 -22.29 -26.20
CA ARG B 160 7.59 -22.79 -27.42
C ARG B 160 7.17 -21.94 -28.64
N ASN B 161 5.87 -21.69 -28.78
CA ASN B 161 5.33 -20.98 -29.95
C ASN B 161 4.95 -19.48 -29.74
N ASN B 162 5.09 -19.00 -28.50
CA ASN B 162 4.71 -17.64 -28.11
C ASN B 162 3.32 -17.32 -28.57
N ARG B 163 2.39 -18.17 -28.15
CA ARG B 163 1.00 -17.97 -28.51
C ARG B 163 0.15 -18.18 -27.27
N ILE B 164 -1.12 -17.87 -27.39
CA ILE B 164 -2.12 -18.22 -26.36
C ILE B 164 -3.28 -18.93 -27.02
N GLY B 165 -3.82 -19.95 -26.38
CA GLY B 165 -4.92 -20.69 -26.98
C GLY B 165 -6.14 -20.84 -26.10
N PHE B 166 -7.30 -20.66 -26.73
CA PHE B 166 -8.60 -20.60 -26.07
C PHE B 166 -9.52 -21.72 -26.53
N ALA B 167 -10.22 -22.31 -25.58
CA ALA B 167 -11.18 -23.38 -25.85
C ALA B 167 -12.33 -23.04 -24.91
N LEU B 168 -13.54 -23.40 -25.28
CA LEU B 168 -14.69 -23.19 -24.40
C LEU B 168 -14.55 -24.11 -23.21
N ALA B 169 -14.70 -23.58 -21.99
CA ALA B 169 -14.53 -24.43 -20.82
C ALA B 169 -15.72 -25.36 -20.63
N ARG B 170 -15.43 -26.64 -20.34
CA ARG B 170 -16.42 -27.63 -19.91
C ARG B 170 -16.57 -27.52 -18.41
N HIS B 171 -17.75 -27.09 -17.96
CA HIS B 171 -18.06 -27.08 -16.52
C HIS B 171 -18.99 -28.26 -16.14
N LEU C 1 4.73 6.51 42.79
CA LEU C 1 5.79 7.43 43.26
C LEU C 1 6.93 7.40 42.27
N THR C 2 7.67 8.50 42.21
CA THR C 2 8.89 8.59 41.41
C THR C 2 10.08 9.13 42.21
N LEU C 3 11.26 8.66 41.83
CA LEU C 3 12.51 9.36 42.11
C LEU C 3 12.94 9.90 40.75
N GLY C 4 13.85 10.89 40.74
CA GLY C 4 14.63 11.22 39.51
C GLY C 4 13.78 11.62 38.32
N ASN C 5 13.52 10.73 37.35
CA ASN C 5 14.46 9.85 36.64
C ASN C 5 13.75 8.75 35.82
N THR C 6 12.43 8.77 35.81
CA THR C 6 11.73 7.79 35.01
C THR C 6 11.34 8.35 33.66
N THR C 7 11.69 7.60 32.62
CA THR C 7 11.19 7.79 31.28
C THR C 7 10.41 6.57 30.76
N SER C 8 9.87 6.70 29.55
CA SER C 8 9.12 5.64 28.96
C SER C 8 9.19 5.80 27.46
N SER C 9 9.14 4.66 26.77
CA SER C 9 9.23 4.67 25.32
C SER C 9 8.18 3.84 24.57
N VAL C 10 7.96 4.30 23.34
CA VAL C 10 7.08 3.68 22.38
C VAL C 10 7.94 3.36 21.16
N ILE C 11 7.95 2.07 20.77
CA ILE C 11 8.63 1.58 19.57
C ILE C 11 7.73 1.76 18.35
N LEU C 12 8.26 2.42 17.31
CA LEU C 12 7.45 2.71 16.14
C LEU C 12 7.80 1.81 14.98
N THR C 13 6.76 1.53 14.19
CA THR C 13 6.89 0.87 12.90
C THR C 13 6.99 1.87 11.75
N ASN C 14 7.95 1.62 10.86
CA ASN C 14 8.19 2.41 9.65
C ASN C 14 7.66 1.73 8.37
N TYR C 15 6.53 2.25 7.90
CA TYR C 15 5.98 1.83 6.63
C TYR C 15 6.46 2.70 5.47
N MET C 16 7.40 2.13 4.73
CA MET C 16 7.88 2.62 3.45
C MET C 16 8.43 4.07 3.51
N ASP C 17 8.98 4.44 4.68
CA ASP C 17 9.42 5.81 4.99
C ASP C 17 8.34 6.88 4.95
N THR C 18 7.07 6.48 4.90
CA THR C 18 5.99 7.49 4.82
C THR C 18 5.01 7.46 5.98
N GLN C 19 4.94 6.35 6.69
CA GLN C 19 4.07 6.22 7.84
C GLN C 19 4.84 5.60 8.99
N TYR C 20 4.82 6.32 10.11
CA TYR C 20 5.51 6.00 11.34
C TYR C 20 4.44 5.95 12.43
N TYR C 21 4.30 4.78 13.06
CA TYR C 21 3.21 4.52 14.01
C TYR C 21 3.61 3.46 15.05
N GLY C 22 3.04 3.59 16.27
CA GLY C 22 3.15 2.64 17.37
C GLY C 22 1.81 2.13 17.87
N GLU C 23 1.79 1.50 19.04
CA GLU C 23 0.55 0.99 19.57
C GLU C 23 0.22 1.59 20.93
N ILE C 24 -1.07 1.78 21.17
CA ILE C 24 -1.60 2.23 22.46
C ILE C 24 -2.78 1.31 22.82
N GLY C 25 -3.07 1.23 24.12
CA GLY C 25 -4.27 0.51 24.61
C GLY C 25 -5.35 1.52 25.03
N ILE C 26 -6.61 1.18 24.75
CA ILE C 26 -7.75 1.93 25.29
C ILE C 26 -8.75 0.99 25.96
N GLY C 27 -9.14 1.31 27.18
CA GLY C 27 -10.17 0.56 27.86
C GLY C 27 -9.65 -0.62 28.67
N THR C 28 -10.60 -1.33 29.28
CA THR C 28 -10.36 -2.39 30.27
C THR C 28 -11.24 -3.58 29.85
N PRO C 29 -10.62 -4.66 29.33
CA PRO C 29 -9.17 -4.80 29.19
C PRO C 29 -8.77 -3.97 27.97
N PRO C 30 -7.46 -3.71 27.78
CA PRO C 30 -7.02 -2.82 26.70
C PRO C 30 -7.43 -3.28 25.30
N GLN C 31 -8.02 -2.37 24.53
CA GLN C 31 -8.23 -2.54 23.10
C GLN C 31 -7.08 -1.83 22.37
N THR C 32 -6.27 -2.60 21.59
CA THR C 32 -5.05 -2.06 20.97
C THR C 32 -5.28 -1.36 19.64
N PHE C 33 -4.53 -0.29 19.42
CA PHE C 33 -4.66 0.51 18.21
C PHE C 33 -3.29 0.97 17.74
N LYS C 34 -3.05 0.85 16.45
CA LYS C 34 -1.90 1.47 15.80
C LYS C 34 -2.21 2.95 15.61
N VAL C 35 -1.28 3.81 16.04
CA VAL C 35 -1.48 5.24 16.01
C VAL C 35 -0.20 5.99 15.63
N VAL C 36 -0.38 7.12 14.95
CA VAL C 36 0.64 8.15 14.71
C VAL C 36 0.63 9.17 15.87
N PHE C 37 1.82 9.58 16.33
CA PHE C 37 1.93 10.63 17.33
C PHE C 37 2.28 11.92 16.58
N ASP C 38 1.33 12.84 16.58
CA ASP C 38 1.37 13.96 15.67
C ASP C 38 1.59 15.25 16.43
N THR C 39 2.77 15.80 16.35
CA THR C 39 3.02 17.13 16.93
C THR C 39 2.20 18.22 16.20
N GLY C 40 1.66 17.85 15.03
CA GLY C 40 0.79 18.75 14.25
C GLY C 40 -0.69 18.76 14.64
N SER C 41 -1.08 17.87 15.56
CA SER C 41 -2.45 17.87 16.11
C SER C 41 -2.43 17.65 17.61
N SER C 42 -3.52 18.03 18.30
CA SER C 42 -3.59 17.96 19.77
C SER C 42 -4.62 17.00 20.39
N ASN C 43 -5.43 16.34 19.55
CA ASN C 43 -6.49 15.42 20.01
C ASN C 43 -6.12 13.95 19.77
N VAL C 44 -6.71 13.08 20.58
CA VAL C 44 -6.65 11.65 20.30
C VAL C 44 -7.91 11.23 19.54
N TRP C 45 -7.73 10.55 18.40
CA TRP C 45 -8.83 9.96 17.65
C TRP C 45 -8.63 8.47 17.37
N VAL C 46 -9.67 7.66 17.61
CA VAL C 46 -9.77 6.33 17.01
C VAL C 46 -11.14 6.16 16.35
N PRO C 47 -11.28 5.19 15.43
CA PRO C 47 -12.59 4.82 14.89
C PRO C 47 -13.56 4.28 15.95
N SER C 48 -14.79 4.81 15.96
CA SER C 48 -15.85 4.27 16.81
C SER C 48 -16.46 3.02 16.19
N SER C 49 -16.79 2.03 17.03
CA SER C 49 -17.59 0.89 16.59
C SER C 49 -19.00 1.29 16.14
N LYS C 50 -19.36 2.56 16.39
CA LYS C 50 -20.60 3.22 15.91
C LYS C 50 -20.39 3.98 14.58
N CYS C 51 -19.29 3.68 13.90
CA CYS C 51 -19.07 4.17 12.56
C CYS C 51 -19.74 3.16 11.63
N SER C 52 -20.53 3.65 10.67
CA SER C 52 -21.24 2.78 9.72
C SER C 52 -20.25 2.00 8.87
N ARG C 53 -20.71 0.89 8.28
CA ARG C 53 -19.91 0.21 7.27
C ARG C 53 -20.00 0.91 5.90
N LEU C 54 -20.71 2.03 5.84
CA LEU C 54 -20.72 2.88 4.66
C LEU C 54 -19.40 3.64 4.48
N TYR C 55 -18.76 4.01 5.60
CA TYR C 55 -17.40 4.56 5.58
C TYR C 55 -16.35 3.45 5.40
N THR C 56 -15.63 3.53 4.29
CA THR C 56 -14.66 2.51 3.91
C THR C 56 -13.40 2.52 4.77
N ALA C 57 -13.06 3.70 5.30
CA ALA C 57 -11.93 3.88 6.20
C ALA C 57 -12.17 3.26 7.58
N CYS C 58 -13.44 3.19 7.96
CA CYS C 58 -13.85 2.54 9.20
C CYS C 58 -13.81 1.01 9.14
N VAL C 59 -14.28 0.45 8.03
CA VAL C 59 -14.48 -1.00 7.90
C VAL C 59 -13.15 -1.77 7.91
N TYR C 60 -12.12 -1.18 7.32
CA TYR C 60 -10.83 -1.84 7.23
C TYR C 60 -9.82 -1.46 8.34
N HIS C 61 -10.26 -0.69 9.34
CA HIS C 61 -9.41 -0.35 10.50
C HIS C 61 -10.02 -0.91 11.77
N LYS C 62 -9.22 -0.98 12.84
CA LYS C 62 -9.75 -1.43 14.13
C LYS C 62 -10.69 -0.38 14.69
N LEU C 63 -11.78 -0.86 15.30
CA LEU C 63 -12.81 0.02 15.85
C LEU C 63 -12.90 -0.15 17.37
N PHE C 64 -13.11 0.97 18.05
CA PHE C 64 -13.20 0.99 19.50
C PHE C 64 -14.62 0.61 19.97
N ASP C 65 -14.70 -0.47 20.73
CA ASP C 65 -15.98 -0.93 21.27
C ASP C 65 -16.17 -0.48 22.71
N ALA C 66 -16.83 0.66 22.90
CA ALA C 66 -17.05 1.27 24.24
C ALA C 66 -17.68 0.32 25.26
N SER C 67 -18.58 -0.51 24.78
CA SER C 67 -19.36 -1.42 25.61
C SER C 67 -18.57 -2.64 26.11
N ASP C 68 -17.34 -2.80 25.64
CA ASP C 68 -16.50 -3.93 26.08
C ASP C 68 -15.48 -3.51 27.11
N SER C 69 -15.49 -2.21 27.44
CA SER C 69 -14.55 -1.63 28.40
C SER C 69 -15.27 -1.24 29.70
N SER C 70 -14.81 -1.78 30.82
CA SER C 70 -15.42 -1.50 32.12
C SER C 70 -15.07 -0.13 32.73
N SER C 71 -14.00 0.49 32.23
CA SER C 71 -13.58 1.83 32.68
C SER C 71 -14.11 2.96 31.81
N TYR C 72 -14.92 2.65 30.80
CA TYR C 72 -15.43 3.67 29.87
C TYR C 72 -16.43 4.66 30.48
N LYS C 73 -16.31 5.95 30.12
CA LYS C 73 -17.27 6.97 30.57
C LYS C 73 -17.87 7.66 29.36
N HIS C 74 -19.17 7.53 29.21
CA HIS C 74 -19.90 8.21 28.15
C HIS C 74 -19.71 9.73 28.27
N ASN C 75 -19.67 10.38 27.12
CA ASN C 75 -19.72 11.84 27.08
C ASN C 75 -20.65 12.25 25.96
N GLY C 76 -20.16 12.25 24.72
CA GLY C 76 -21.01 12.45 23.57
C GLY C 76 -20.90 13.82 22.91
N THR C 77 -20.19 14.75 23.54
CA THR C 77 -19.96 16.04 22.92
C THR C 77 -19.44 15.83 21.50
N GLU C 78 -20.23 16.25 20.53
CA GLU C 78 -19.86 16.14 19.14
C GLU C 78 -18.59 16.98 18.88
N LEU C 79 -17.77 16.52 17.94
CA LEU C 79 -16.54 17.22 17.56
C LEU C 79 -16.14 16.91 16.12
N THR C 80 -15.43 17.84 15.51
CA THR C 80 -15.24 17.87 14.07
C THR C 80 -13.83 18.33 13.68
N LEU C 81 -13.32 17.75 12.60
CA LEU C 81 -12.05 18.09 12.02
C LEU C 81 -12.27 18.32 10.54
N ARG C 82 -12.09 19.56 10.10
CA ARG C 82 -12.36 19.91 8.69
C ARG C 82 -11.09 19.79 7.86
N TYR C 83 -11.05 18.73 7.03
CA TYR C 83 -9.83 18.22 6.39
C TYR C 83 -9.96 18.22 4.87
N SER C 84 -8.87 18.56 4.18
CA SER C 84 -8.88 18.79 2.72
C SER C 84 -9.89 17.98 1.91
N THR C 85 -9.97 16.68 2.22
CA THR C 85 -10.75 15.71 1.44
C THR C 85 -12.14 15.45 2.02
N GLY C 86 -12.41 16.09 3.16
CA GLY C 86 -13.75 16.01 3.76
C GLY C 86 -13.75 16.20 5.26
N THR C 87 -14.85 15.78 5.89
CA THR C 87 -15.02 16.00 7.30
C THR C 87 -14.74 14.73 8.08
N VAL C 88 -13.80 14.85 9.03
CA VAL C 88 -13.62 13.84 10.08
C VAL C 88 -14.47 14.32 11.26
N SER C 89 -15.35 13.45 11.74
CA SER C 89 -16.09 13.83 12.93
C SER C 89 -16.56 12.66 13.74
N GLY C 90 -16.94 12.97 14.97
CA GLY C 90 -17.32 11.98 15.95
C GLY C 90 -17.66 12.65 17.25
N PHE C 91 -17.52 11.89 18.33
CA PHE C 91 -17.99 12.31 19.65
C PHE C 91 -16.97 11.96 20.72
N LEU C 92 -17.13 12.62 21.87
CA LEU C 92 -16.15 12.51 22.92
C LEU C 92 -16.39 11.30 23.77
N SER C 93 -15.32 10.59 24.07
CA SER C 93 -15.39 9.57 25.08
C SER C 93 -14.24 9.77 26.04
N GLN C 94 -14.28 9.04 27.14
CA GLN C 94 -13.24 9.14 28.12
C GLN C 94 -13.01 7.72 28.61
N ASP C 95 -11.74 7.35 28.70
CA ASP C 95 -11.35 6.01 29.07
C ASP C 95 -9.88 6.04 29.45
N ILE C 96 -9.39 4.87 29.87
CA ILE C 96 -8.02 4.73 30.25
C ILE C 96 -7.20 4.34 29.05
N ILE C 97 -6.21 5.19 28.74
CA ILE C 97 -5.25 4.89 27.69
C ILE C 97 -3.92 4.45 28.30
N THR C 98 -3.36 3.39 27.74
CA THR C 98 -2.05 2.95 28.15
C THR C 98 -1.05 3.14 27.02
N VAL C 99 0.07 3.77 27.35
CA VAL C 99 1.05 4.23 26.39
C VAL C 99 2.43 4.03 27.01
N GLY C 100 3.27 3.28 26.32
CA GLY C 100 4.60 2.92 26.82
C GLY C 100 4.57 2.46 28.27
N GLY C 101 3.48 1.79 28.65
CA GLY C 101 3.29 1.42 30.05
C GLY C 101 2.61 2.47 30.93
N ILE C 102 2.52 3.73 30.47
CA ILE C 102 1.86 4.77 31.28
C ILE C 102 0.34 4.61 31.13
N THR C 103 -0.38 4.57 32.25
CA THR C 103 -1.85 4.53 32.24
C THR C 103 -2.37 5.94 32.51
N VAL C 104 -3.19 6.45 31.61
CA VAL C 104 -3.75 7.80 31.78
C VAL C 104 -5.22 7.84 31.38
N THR C 105 -6.05 8.42 32.25
CA THR C 105 -7.45 8.68 31.92
C THR C 105 -7.48 9.86 30.94
N GLN C 106 -8.02 9.61 29.75
CA GLN C 106 -7.97 10.56 28.67
C GLN C 106 -9.33 10.68 28.02
N MET C 107 -9.62 11.89 27.54
CA MET C 107 -10.72 12.14 26.64
C MET C 107 -10.23 11.86 25.23
N PHE C 108 -11.01 11.12 24.45
CA PHE C 108 -10.62 10.83 23.08
C PHE C 108 -11.80 10.95 22.14
N GLY C 109 -11.50 10.94 20.84
CA GLY C 109 -12.50 11.11 19.82
C GLY C 109 -12.81 9.76 19.24
N GLU C 110 -14.10 9.42 19.28
CA GLU C 110 -14.60 8.29 18.56
C GLU C 110 -15.10 8.69 17.16
N VAL C 111 -14.37 8.29 16.12
CA VAL C 111 -14.71 8.71 14.74
C VAL C 111 -15.87 7.89 14.15
N THR C 112 -16.89 8.60 13.68
CA THR C 112 -18.08 7.97 13.12
C THR C 112 -18.33 8.39 11.66
N GLU C 113 -17.54 9.34 11.17
CA GLU C 113 -17.57 9.70 9.76
C GLU C 113 -16.29 10.37 9.27
N MET C 114 -15.66 9.74 8.27
CA MET C 114 -14.46 10.29 7.63
C MET C 114 -14.44 9.94 6.14
N PRO C 115 -13.78 10.77 5.30
CA PRO C 115 -13.59 10.39 3.90
C PRO C 115 -12.74 9.12 3.72
N ALA C 116 -12.91 8.45 2.58
CA ALA C 116 -12.18 7.22 2.25
C ALA C 116 -10.71 7.52 2.02
N LEU C 117 -10.43 8.49 1.16
CA LEU C 117 -9.06 8.90 0.93
C LEU C 117 -8.78 10.18 1.73
N PRO C 118 -7.59 10.28 2.35
CA PRO C 118 -6.47 9.31 2.37
C PRO C 118 -6.63 8.19 3.39
N PHE C 119 -7.62 8.32 4.24
CA PHE C 119 -7.67 7.55 5.48
C PHE C 119 -7.81 6.06 5.30
N MET C 120 -8.58 5.61 4.33
CA MET C 120 -8.77 4.17 4.10
C MET C 120 -7.45 3.45 3.87
N LEU C 121 -6.48 4.19 3.32
CA LEU C 121 -5.18 3.64 3.00
C LEU C 121 -4.11 3.75 4.09
N ALA C 122 -4.50 4.25 5.26
CA ALA C 122 -3.60 4.29 6.42
C ALA C 122 -3.29 2.88 6.96
N GLU C 123 -2.05 2.61 7.32
CA GLU C 123 -1.70 1.36 8.00
C GLU C 123 -2.13 1.39 9.46
N PHE C 124 -2.15 2.58 10.04
CA PHE C 124 -2.55 2.75 11.44
C PHE C 124 -4.07 2.96 11.51
N ASP C 125 -4.61 2.91 12.73
CA ASP C 125 -6.03 3.06 13.02
C ASP C 125 -6.42 4.44 13.51
N GLY C 126 -5.47 5.23 14.00
CA GLY C 126 -5.79 6.51 14.61
C GLY C 126 -4.62 7.42 14.89
N VAL C 127 -4.88 8.47 15.66
CA VAL C 127 -3.89 9.52 15.90
C VAL C 127 -3.87 10.00 17.35
N VAL C 128 -2.65 10.18 17.84
CA VAL C 128 -2.43 10.69 19.18
C VAL C 128 -1.76 12.03 18.97
N GLY C 129 -2.53 13.10 19.16
CA GLY C 129 -2.00 14.44 19.05
C GLY C 129 -1.03 14.67 20.20
N MET C 130 0.08 15.33 19.89
CA MET C 130 1.16 15.67 20.82
C MET C 130 1.35 17.19 20.82
N GLY C 131 0.48 17.93 20.13
CA GLY C 131 0.53 19.41 20.11
C GLY C 131 -0.15 19.96 21.35
N PHE C 132 -0.37 21.27 21.38
CA PHE C 132 -0.80 21.99 22.59
C PHE C 132 -2.30 22.08 22.75
N ILE C 133 -2.75 22.31 23.98
CA ILE C 133 -4.20 22.48 24.26
C ILE C 133 -4.83 23.63 23.51
N GLU C 134 -4.03 24.64 23.19
CA GLU C 134 -4.48 25.77 22.39
C GLU C 134 -5.09 25.35 21.06
N GLN C 135 -4.58 24.26 20.50
CA GLN C 135 -4.97 23.77 19.17
C GLN C 135 -5.89 22.55 19.25
N ALA C 136 -6.27 22.17 20.46
CA ALA C 136 -7.14 21.01 20.67
C ALA C 136 -8.61 21.32 20.34
N ILE C 137 -9.20 20.48 19.50
CA ILE C 137 -10.60 20.65 19.13
C ILE C 137 -11.46 20.43 20.36
N GLY C 138 -12.39 21.37 20.60
CA GLY C 138 -13.26 21.35 21.77
C GLY C 138 -12.50 21.59 23.06
N ARG C 139 -11.37 22.28 22.92
CA ARG C 139 -10.40 22.55 24.00
C ARG C 139 -10.15 21.34 24.93
N VAL C 140 -10.05 20.16 24.34
CA VAL C 140 -9.80 18.91 25.10
C VAL C 140 -8.30 18.74 25.49
N THR C 141 -8.06 18.41 26.75
CA THR C 141 -6.71 18.28 27.31
C THR C 141 -5.94 17.15 26.66
N PRO C 142 -4.86 17.49 25.95
CA PRO C 142 -4.02 16.52 25.23
C PRO C 142 -3.38 15.50 26.17
N ILE C 143 -3.10 14.33 25.65
CA ILE C 143 -2.65 13.21 26.48
C ILE C 143 -1.31 13.45 27.17
N PHE C 144 -0.42 14.21 26.53
CA PHE C 144 0.88 14.44 27.15
C PHE C 144 0.74 15.41 28.32
N ASP C 145 -0.20 16.35 28.21
CA ASP C 145 -0.59 17.18 29.34
C ASP C 145 -1.04 16.37 30.54
N ASN C 146 -1.96 15.44 30.34
CA ASN C 146 -2.40 14.62 31.45
C ASN C 146 -1.28 13.76 32.09
N ILE C 147 -0.33 13.29 31.27
CA ILE C 147 0.83 12.53 31.77
C ILE C 147 1.75 13.44 32.61
N ILE C 148 2.02 14.64 32.09
CA ILE C 148 2.76 15.69 32.82
C ILE C 148 2.14 15.85 34.20
N SER C 149 0.82 16.01 34.23
CA SER C 149 0.08 16.22 35.48
C SER C 149 0.37 15.17 36.55
N GLN C 150 0.69 13.94 36.14
CA GLN C 150 1.00 12.85 37.09
C GLN C 150 2.35 13.02 37.80
N GLY C 151 3.18 13.95 37.31
CA GLY C 151 4.52 14.21 37.86
C GLY C 151 5.46 13.01 37.89
N VAL C 152 5.24 12.06 37.00
CA VAL C 152 6.05 10.84 36.91
C VAL C 152 7.36 11.01 36.11
N LEU C 153 7.27 11.77 35.03
CA LEU C 153 8.32 11.82 34.05
C LEU C 153 9.54 12.57 34.57
N LYS C 154 10.73 12.20 34.09
CA LYS C 154 11.93 12.96 34.43
C LYS C 154 11.80 14.46 34.05
N GLU C 155 11.54 14.75 32.77
CA GLU C 155 11.37 16.12 32.29
C GLU C 155 10.06 16.29 31.51
N ASP C 156 9.65 17.55 31.31
CA ASP C 156 8.50 17.92 30.47
C ASP C 156 8.88 17.96 29.01
N VAL C 157 9.38 16.84 28.53
CA VAL C 157 9.83 16.75 27.16
C VAL C 157 9.53 15.36 26.62
N PHE C 158 9.40 15.31 25.30
CA PHE C 158 9.32 14.06 24.60
C PHE C 158 10.12 14.23 23.32
N SER C 159 10.58 13.09 22.80
CA SER C 159 11.54 13.04 21.70
C SER C 159 11.16 12.06 20.63
N PHE C 160 11.60 12.36 19.41
CA PHE C 160 11.31 11.50 18.28
C PHE C 160 12.56 10.98 17.57
N TYR C 161 12.59 9.67 17.38
CA TYR C 161 13.51 9.06 16.46
C TYR C 161 12.75 8.30 15.39
N TYR C 162 13.04 8.66 14.16
CA TYR C 162 12.51 8.00 12.98
C TYR C 162 13.66 7.42 12.19
N ASN C 163 13.68 6.11 12.01
CA ASN C 163 14.73 5.43 11.23
C ASN C 163 14.43 5.44 9.74
N ARG C 164 15.45 5.16 8.93
CA ARG C 164 15.25 4.97 7.49
C ARG C 164 14.71 3.55 7.31
N ASP C 165 13.77 3.40 6.39
CA ASP C 165 13.18 2.10 6.10
C ASP C 165 14.21 1.00 5.98
N SER D 1 15.69 -3.88 12.17
CA SER D 1 15.59 -2.41 12.14
C SER D 1 14.45 -1.87 12.98
N LEU D 2 14.81 -1.09 14.00
CA LEU D 2 13.86 -0.26 14.70
C LEU D 2 13.30 0.78 13.71
N GLY D 3 12.00 0.75 13.46
CA GLY D 3 11.33 1.76 12.64
C GLY D 3 11.47 3.16 13.21
N GLY D 4 11.42 3.25 14.53
CA GLY D 4 11.50 4.53 15.22
C GLY D 4 11.23 4.34 16.69
N GLN D 5 11.22 5.46 17.42
CA GLN D 5 11.01 5.46 18.84
C GLN D 5 10.62 6.86 19.33
N ILE D 6 9.60 6.93 20.18
CA ILE D 6 9.47 8.11 21.04
C ILE D 6 9.79 7.82 22.51
N VAL D 7 10.56 8.74 23.11
CA VAL D 7 10.80 8.75 24.55
C VAL D 7 9.95 9.84 25.20
N LEU D 8 9.16 9.43 26.16
CA LEU D 8 8.43 10.37 27.01
C LEU D 8 9.25 10.70 28.27
N GLY D 9 9.56 11.98 28.44
CA GLY D 9 10.28 12.46 29.61
C GLY D 9 11.79 12.44 29.48
N GLY D 10 12.27 12.42 28.25
CA GLY D 10 13.68 12.53 27.97
C GLY D 10 14.00 12.32 26.50
N SER D 11 15.25 11.95 26.24
CA SER D 11 15.62 11.48 24.92
C SER D 11 16.63 10.31 25.06
N ASP D 12 16.89 9.60 23.96
CA ASP D 12 17.70 8.35 24.01
C ASP D 12 18.99 8.52 23.21
N PRO D 13 20.12 8.66 23.92
CA PRO D 13 21.44 8.86 23.34
C PRO D 13 21.86 7.77 22.36
N GLN D 14 21.34 6.55 22.51
CA GLN D 14 21.47 5.45 21.54
C GLN D 14 21.15 5.90 20.12
N HIS D 15 20.23 6.86 19.98
CA HIS D 15 19.70 7.17 18.65
C HIS D 15 20.07 8.53 18.06
N TYR D 16 20.83 9.34 18.81
CA TYR D 16 21.43 10.56 18.23
C TYR D 16 22.93 10.71 18.55
N GLU D 17 23.59 11.63 17.87
CA GLU D 17 24.98 11.92 18.22
C GLU D 17 25.27 13.40 18.32
N GLY D 18 26.29 13.71 19.12
CA GLY D 18 26.66 15.08 19.39
C GLY D 18 25.66 15.61 20.38
N ASN D 19 25.35 16.89 20.27
CA ASN D 19 24.55 17.54 21.28
C ASN D 19 23.32 18.18 20.66
N PHE D 20 22.26 18.32 21.44
CA PHE D 20 21.11 19.12 20.99
C PHE D 20 21.46 20.59 20.87
N HIS D 21 20.96 21.23 19.84
CA HIS D 21 20.97 22.68 19.77
C HIS D 21 19.53 23.10 19.58
N TYR D 22 19.09 24.12 20.31
CA TYR D 22 17.65 24.43 20.44
C TYR D 22 17.23 25.65 19.71
N ILE D 23 15.96 25.64 19.31
CA ILE D 23 15.26 26.83 18.77
C ILE D 23 13.98 27.04 19.58
N ASN D 24 13.81 28.25 20.11
CA ASN D 24 12.61 28.60 20.89
C ASN D 24 11.45 28.75 19.94
N LEU D 25 10.25 28.42 20.42
CA LEU D 25 9.05 28.53 19.61
C LEU D 25 8.75 29.99 19.36
N ILE D 26 8.01 30.27 18.28
CA ILE D 26 7.60 31.64 17.96
C ILE D 26 6.65 32.10 19.06
N LYS D 27 5.65 31.28 19.32
CA LYS D 27 4.74 31.46 20.44
C LYS D 27 4.28 30.07 20.89
N THR D 28 3.88 29.98 22.15
CA THR D 28 3.40 28.72 22.70
C THR D 28 2.09 28.31 22.00
N GLY D 29 1.71 27.06 22.11
CA GLY D 29 0.48 26.57 21.49
C GLY D 29 0.66 25.95 20.12
N VAL D 30 1.84 26.11 19.55
CA VAL D 30 2.18 25.43 18.29
C VAL D 30 3.69 25.18 18.17
N TRP D 31 4.02 23.92 17.85
CA TRP D 31 5.40 23.46 17.64
C TRP D 31 5.97 24.05 16.36
N GLN D 32 6.03 25.37 16.29
CA GLN D 32 6.52 26.05 15.08
C GLN D 32 7.56 27.09 15.42
N ILE D 33 8.67 27.03 14.70
CA ILE D 33 9.80 27.90 14.98
C ILE D 33 10.12 28.78 13.78
N GLN D 34 10.98 29.77 14.01
CA GLN D 34 11.37 30.74 12.98
C GLN D 34 12.47 30.16 12.11
N MET D 35 12.26 30.16 10.80
CA MET D 35 13.32 29.74 9.85
C MET D 35 14.01 30.94 9.23
N LYS D 36 15.31 30.83 9.00
CA LYS D 36 16.12 31.99 8.56
C LYS D 36 16.67 31.88 7.15
N GLY D 37 16.58 30.68 6.56
CA GLY D 37 17.14 30.46 5.23
C GLY D 37 17.24 29.02 4.78
N VAL D 38 16.92 28.80 3.51
CA VAL D 38 16.98 27.48 2.87
C VAL D 38 17.95 27.54 1.69
N SER D 39 18.79 26.52 1.55
CA SER D 39 19.90 26.62 0.63
C SER D 39 20.09 25.40 -0.22
N VAL D 40 20.20 25.65 -1.51
CA VAL D 40 20.59 24.65 -2.48
C VAL D 40 22.11 24.74 -2.58
N GLY D 41 22.79 23.67 -2.17
CA GLY D 41 24.23 23.68 -2.10
C GLY D 41 24.70 24.72 -1.09
N SER D 42 25.71 25.49 -1.50
CA SER D 42 26.32 26.48 -0.62
C SER D 42 25.91 27.91 -0.95
N SER D 43 24.62 28.09 -1.27
CA SER D 43 24.03 29.41 -1.52
C SER D 43 22.53 29.50 -1.16
N THR D 44 22.17 30.51 -0.37
CA THR D 44 20.79 30.66 0.13
C THR D 44 19.83 31.11 -0.97
N LEU D 45 18.88 30.24 -1.31
CA LEU D 45 17.91 30.54 -2.35
C LEU D 45 16.59 31.13 -1.84
N LEU D 46 16.07 30.55 -0.76
CA LEU D 46 14.73 30.88 -0.26
C LEU D 46 14.70 31.31 1.19
N CYS D 47 13.53 31.78 1.61
CA CYS D 47 13.26 32.15 3.01
C CYS D 47 14.36 33.07 3.52
N GLU D 48 14.64 34.11 2.74
CA GLU D 48 15.80 34.98 2.94
C GLU D 48 15.51 36.05 3.99
N ASP D 49 14.30 36.59 3.99
CA ASP D 49 13.85 37.51 5.03
C ASP D 49 13.02 36.77 6.08
N GLY D 50 13.22 35.45 6.15
CA GLY D 50 12.60 34.64 7.18
C GLY D 50 11.23 34.11 6.83
N CYS D 51 10.98 32.87 7.23
CA CYS D 51 9.67 32.26 7.14
C CYS D 51 9.47 31.40 8.37
N LEU D 52 8.28 30.83 8.52
CA LEU D 52 7.96 29.98 9.67
C LEU D 52 8.19 28.52 9.27
N ALA D 53 8.37 27.65 10.28
CA ALA D 53 8.62 26.21 10.04
C ALA D 53 7.99 25.41 11.17
N LEU D 54 7.01 24.60 10.82
CA LEU D 54 6.31 23.75 11.77
C LEU D 54 7.03 22.38 11.84
N VAL D 55 7.26 21.88 13.05
CA VAL D 55 7.88 20.57 13.24
C VAL D 55 6.81 19.52 13.58
N ASP D 56 6.53 18.69 12.57
CA ASP D 56 5.28 17.92 12.49
C ASP D 56 5.59 16.42 12.33
N THR D 57 5.52 15.72 13.45
CA THR D 57 5.87 14.34 13.46
C THR D 57 4.82 13.50 12.73
N GLY D 58 3.66 14.11 12.46
CA GLY D 58 2.52 13.48 11.78
C GLY D 58 2.54 13.54 10.26
N ALA D 59 3.41 14.38 9.70
CA ALA D 59 3.55 14.57 8.27
C ALA D 59 4.63 13.66 7.74
N SER D 60 4.46 13.21 6.51
CA SER D 60 5.40 12.31 5.86
C SER D 60 6.64 13.00 5.31
N TYR D 61 6.48 14.27 4.92
CA TYR D 61 7.46 14.96 4.09
C TYR D 61 7.84 16.32 4.66
N ILE D 62 8.97 16.85 4.19
CA ILE D 62 9.27 18.27 4.34
C ILE D 62 8.39 18.97 3.34
N SER D 63 7.55 19.89 3.79
CA SER D 63 6.73 20.64 2.87
C SER D 63 6.90 22.16 2.98
N GLY D 64 6.64 22.85 1.88
CA GLY D 64 6.72 24.29 1.80
C GLY D 64 5.58 24.72 0.91
N SER D 65 5.40 26.04 0.75
CA SER D 65 4.38 26.57 -0.17
C SER D 65 4.65 26.10 -1.58
N THR D 66 3.59 26.13 -2.40
CA THR D 66 3.69 25.91 -3.86
C THR D 66 4.78 26.81 -4.48
N SER D 67 4.74 28.08 -4.12
CA SER D 67 5.70 29.07 -4.61
C SER D 67 7.13 28.59 -4.36
N SER D 68 7.37 28.18 -3.11
CA SER D 68 8.68 27.76 -2.65
C SER D 68 9.12 26.41 -3.19
N ILE D 69 8.21 25.43 -3.21
CA ILE D 69 8.59 24.09 -3.71
C ILE D 69 8.87 24.10 -5.22
N GLU D 70 8.16 24.95 -5.94
CA GLU D 70 8.49 25.19 -7.35
C GLU D 70 9.89 25.81 -7.49
N LYS D 71 10.16 26.87 -6.73
CA LYS D 71 11.48 27.52 -6.75
C LYS D 71 12.62 26.55 -6.38
N LEU D 72 12.39 25.74 -5.35
CA LEU D 72 13.36 24.73 -4.92
C LEU D 72 13.57 23.66 -6.00
N MET D 73 12.48 23.26 -6.65
CA MET D 73 12.55 22.23 -7.67
C MET D 73 13.17 22.73 -8.99
N GLU D 74 12.84 23.97 -9.38
CA GLU D 74 13.55 24.66 -10.44
C GLU D 74 15.06 24.58 -10.19
N ALA D 75 15.44 24.76 -8.93
CA ALA D 75 16.85 24.80 -8.56
C ALA D 75 17.51 23.44 -8.52
N LEU D 76 16.72 22.39 -8.33
CA LEU D 76 17.22 21.03 -8.22
C LEU D 76 17.21 20.28 -9.54
N GLY D 77 16.50 20.82 -10.53
CA GLY D 77 16.35 20.12 -11.80
C GLY D 77 15.44 18.93 -11.62
N ALA D 78 14.30 19.16 -10.97
CA ALA D 78 13.29 18.15 -10.76
C ALA D 78 12.05 18.56 -11.52
N LYS D 79 11.27 17.57 -11.96
CA LYS D 79 10.14 17.84 -12.83
C LYS D 79 8.82 17.39 -12.21
N LYS D 80 7.79 18.21 -12.41
CA LYS D 80 6.51 18.06 -11.71
C LYS D 80 5.54 17.04 -12.34
N ARG D 81 5.00 16.16 -11.49
CA ARG D 81 3.80 15.36 -11.81
C ARG D 81 2.61 15.92 -11.03
N LEU D 82 1.54 15.13 -10.90
CA LEU D 82 0.30 15.62 -10.27
C LEU D 82 0.39 15.77 -8.75
N PHE D 83 1.25 14.98 -8.12
CA PHE D 83 1.40 15.03 -6.67
C PHE D 83 2.85 15.13 -6.22
N ASP D 84 3.76 14.66 -7.08
CA ASP D 84 5.19 14.60 -6.73
C ASP D 84 6.13 15.16 -7.81
N TYR D 85 7.29 15.63 -7.38
CA TYR D 85 8.38 15.98 -8.29
C TYR D 85 9.32 14.78 -8.40
N VAL D 86 9.89 14.59 -9.59
CA VAL D 86 10.82 13.47 -9.82
C VAL D 86 12.12 13.90 -10.52
N VAL D 87 13.11 13.03 -10.45
CA VAL D 87 14.32 13.12 -11.25
C VAL D 87 14.65 11.72 -11.78
N LYS D 88 15.54 11.62 -12.77
CA LYS D 88 16.02 10.33 -13.26
C LYS D 88 16.84 9.65 -12.17
N CYS D 89 16.47 8.43 -11.81
CA CYS D 89 17.07 7.74 -10.68
C CYS D 89 18.60 7.81 -10.60
N ASN D 90 19.24 7.81 -11.78
CA ASN D 90 20.69 7.89 -11.85
C ASN D 90 21.23 9.29 -11.61
N GLU D 91 20.38 10.31 -11.81
CA GLU D 91 20.78 11.70 -11.55
C GLU D 91 20.59 12.04 -10.07
N GLY D 92 19.60 11.40 -9.45
CA GLY D 92 19.36 11.51 -8.00
C GLY D 92 20.61 11.82 -7.19
N PRO D 93 21.58 10.87 -7.14
CA PRO D 93 22.71 11.00 -6.24
C PRO D 93 23.60 12.23 -6.50
N THR D 94 23.34 12.96 -7.58
CA THR D 94 24.14 14.14 -7.93
C THR D 94 23.44 15.45 -7.57
N LEU D 95 22.23 15.36 -7.03
CA LEU D 95 21.52 16.55 -6.58
C LEU D 95 22.30 17.24 -5.44
N PRO D 96 22.18 18.58 -5.35
CA PRO D 96 22.89 19.31 -4.28
C PRO D 96 22.26 19.15 -2.87
N ASP D 97 23.09 19.28 -1.83
CA ASP D 97 22.64 19.30 -0.43
C ASP D 97 21.61 20.40 -0.19
N ILE D 98 20.57 20.11 0.60
CA ILE D 98 19.61 21.14 0.97
C ILE D 98 19.79 21.54 2.44
N SER D 99 19.87 22.84 2.69
CA SER D 99 20.12 23.36 4.04
C SER D 99 19.01 24.21 4.62
N PHE D 100 18.74 24.01 5.90
CA PHE D 100 17.66 24.69 6.59
C PHE D 100 18.28 25.45 7.75
N HIS D 101 18.12 26.77 7.73
CA HIS D 101 18.73 27.61 8.75
C HIS D 101 17.76 27.75 9.90
N LEU D 102 18.06 27.03 10.97
CA LEU D 102 17.26 27.03 12.19
C LEU D 102 18.12 27.43 13.39
N GLY D 103 17.84 28.62 13.92
CA GLY D 103 18.53 29.16 15.09
C GLY D 103 20.01 29.34 14.87
N GLY D 104 20.81 28.85 15.79
CA GLY D 104 22.26 28.93 15.61
C GLY D 104 22.88 27.77 14.83
N LYS D 105 22.23 27.32 13.73
CA LYS D 105 22.70 26.14 12.99
C LYS D 105 22.13 25.89 11.58
N GLU D 106 22.94 25.21 10.75
CA GLU D 106 22.50 24.72 9.45
C GLU D 106 22.23 23.20 9.46
N TYR D 107 21.01 22.85 9.09
CA TYR D 107 20.58 21.47 9.04
C TYR D 107 20.54 21.06 7.60
N THR D 108 21.51 20.23 7.22
CA THR D 108 21.70 19.80 5.84
C THR D 108 21.24 18.39 5.61
N LEU D 109 20.32 18.26 4.64
CA LEU D 109 19.91 16.99 4.03
C LEU D 109 20.69 16.87 2.74
N THR D 110 21.30 15.71 2.53
CA THR D 110 21.92 15.40 1.24
C THR D 110 20.87 14.71 0.36
N SER D 111 21.16 14.50 -0.93
CA SER D 111 20.22 13.82 -1.84
C SER D 111 19.81 12.43 -1.36
N ALA D 112 20.76 11.70 -0.77
CA ALA D 112 20.47 10.40 -0.15
C ALA D 112 19.43 10.53 0.98
N ASP D 113 19.29 11.73 1.54
CA ASP D 113 18.32 12.00 2.61
C ASP D 113 16.98 12.48 2.07
N TYR D 114 16.90 12.84 0.79
CA TYR D 114 15.60 13.27 0.27
C TYR D 114 15.09 12.65 -1.03
N VAL D 115 15.91 11.82 -1.66
CA VAL D 115 15.45 11.11 -2.85
C VAL D 115 15.06 9.70 -2.46
N PHE D 116 13.89 9.27 -2.91
CA PHE D 116 13.50 7.87 -2.81
C PHE D 116 14.23 7.09 -3.89
N GLN D 117 15.39 6.55 -3.52
CA GLN D 117 16.30 5.91 -4.46
C GLN D 117 15.98 4.43 -4.64
N GLU D 118 14.88 4.15 -5.34
CA GLU D 118 14.46 2.78 -5.67
C GLU D 118 15.10 2.25 -6.95
N SER D 119 15.89 3.09 -7.61
CA SER D 119 16.67 2.70 -8.78
C SER D 119 17.93 3.53 -8.88
N TYR D 120 18.87 3.09 -9.71
CA TYR D 120 20.03 3.88 -10.07
C TYR D 120 20.12 4.02 -11.60
N SER D 121 18.96 3.89 -12.26
CA SER D 121 18.86 3.84 -13.72
C SER D 121 18.32 5.10 -14.36
N SER D 122 18.79 5.40 -15.58
CA SER D 122 18.37 6.61 -16.30
C SER D 122 16.98 6.48 -16.90
N LYS D 123 16.51 5.24 -17.01
CA LYS D 123 15.18 4.96 -17.53
C LYS D 123 14.03 5.13 -16.53
N LYS D 124 14.30 4.82 -15.26
CA LYS D 124 13.31 4.94 -14.20
C LYS D 124 13.33 6.34 -13.56
N LEU D 125 12.16 6.81 -13.13
CA LEU D 125 12.06 8.09 -12.45
C LEU D 125 12.05 7.86 -10.95
N CYS D 126 12.46 8.87 -10.18
CA CYS D 126 12.61 8.75 -8.73
C CYS D 126 11.95 9.90 -7.99
N THR D 127 11.06 9.57 -7.05
CA THR D 127 10.36 10.59 -6.27
C THR D 127 11.30 11.22 -5.23
N LEU D 128 11.05 12.50 -4.95
CA LEU D 128 11.72 13.21 -3.88
C LEU D 128 10.76 13.38 -2.70
N ALA D 129 11.30 13.33 -1.48
CA ALA D 129 10.49 13.42 -0.26
C ALA D 129 10.23 14.87 0.21
N ILE D 130 10.04 15.76 -0.76
CA ILE D 130 9.61 17.14 -0.51
C ILE D 130 8.35 17.43 -1.35
N HIS D 131 7.22 17.66 -0.69
CA HIS D 131 5.99 17.96 -1.43
C HIS D 131 5.53 19.40 -1.18
N ALA D 132 4.62 19.91 -2.01
CA ALA D 132 4.13 21.27 -1.85
C ALA D 132 2.85 21.28 -1.05
N MET D 133 2.79 22.15 -0.05
CA MET D 133 1.63 22.25 0.79
C MET D 133 1.43 23.69 1.21
N ASP D 134 0.22 24.17 0.98
CA ASP D 134 -0.17 25.52 1.36
C ASP D 134 -1.09 25.37 2.56
N ILE D 135 -0.55 25.71 3.73
CA ILE D 135 -1.25 25.50 4.98
C ILE D 135 -2.04 26.74 5.38
N PRO D 136 -3.36 26.56 5.67
CA PRO D 136 -4.23 27.65 6.11
C PRO D 136 -3.71 28.39 7.34
N PRO D 137 -3.96 29.72 7.41
CA PRO D 137 -3.86 30.46 8.68
C PRO D 137 -4.93 29.96 9.65
N PRO D 138 -4.71 30.14 10.97
CA PRO D 138 -3.64 30.89 11.64
C PRO D 138 -2.23 30.31 11.46
N THR D 139 -2.13 28.99 11.43
CA THR D 139 -0.84 28.30 11.45
C THR D 139 0.02 28.63 10.23
N GLY D 140 -0.55 28.48 9.03
CA GLY D 140 0.13 28.83 7.79
C GLY D 140 -0.09 30.27 7.37
N PRO D 141 0.60 30.73 6.29
CA PRO D 141 1.58 29.97 5.52
C PRO D 141 2.83 29.60 6.35
N THR D 142 3.31 28.38 6.13
CA THR D 142 4.44 27.86 6.88
C THR D 142 5.10 26.75 6.09
N TRP D 143 6.39 26.52 6.32
CA TRP D 143 7.03 25.27 5.94
C TRP D 143 6.65 24.27 7.00
N ALA D 144 6.78 22.98 6.69
CA ALA D 144 6.53 21.92 7.68
C ALA D 144 7.55 20.81 7.48
N LEU D 145 8.19 20.41 8.58
CA LEU D 145 9.31 19.52 8.59
C LEU D 145 8.79 18.22 9.23
N GLY D 146 8.50 17.23 8.39
CA GLY D 146 7.94 15.95 8.82
C GLY D 146 8.96 14.84 8.71
N ALA D 147 8.49 13.59 8.60
CA ALA D 147 9.38 12.41 8.66
C ALA D 147 10.70 12.58 7.92
N THR D 148 10.68 13.28 6.79
CA THR D 148 11.90 13.46 6.02
C THR D 148 12.98 14.22 6.77
N PHE D 149 12.59 15.28 7.51
CA PHE D 149 13.54 16.06 8.31
C PHE D 149 13.99 15.29 9.54
N ILE D 150 13.07 14.49 10.08
CA ILE D 150 13.24 13.78 11.34
C ILE D 150 14.10 12.52 11.25
N ARG D 151 13.92 11.72 10.20
CA ARG D 151 14.92 10.70 9.88
C ARG D 151 16.34 11.24 10.04
N LYS D 152 16.63 12.42 9.49
CA LYS D 152 17.98 12.97 9.62
C LYS D 152 18.25 13.55 11.00
N PHE D 153 17.29 14.28 11.56
CA PHE D 153 17.53 14.89 12.88
C PHE D 153 16.60 14.44 14.00
N TYR D 154 17.16 13.63 14.91
CA TYR D 154 16.54 13.25 16.18
C TYR D 154 16.00 14.51 16.86
N THR D 155 14.72 14.47 17.23
CA THR D 155 14.00 15.69 17.60
C THR D 155 13.40 15.59 18.99
N GLU D 156 13.82 16.51 19.87
CA GLU D 156 13.29 16.70 21.23
C GLU D 156 12.32 17.89 21.33
N PHE D 157 11.11 17.64 21.82
CA PHE D 157 10.07 18.65 21.99
C PHE D 157 9.97 18.99 23.45
N ASP D 158 10.34 20.23 23.76
CA ASP D 158 10.55 20.69 25.12
C ASP D 158 9.41 21.60 25.60
N ARG D 159 8.55 21.04 26.47
CA ARG D 159 7.37 21.74 26.95
C ARG D 159 7.70 22.77 28.03
N ARG D 160 8.51 22.35 29.01
CA ARG D 160 9.11 23.25 30.01
C ARG D 160 9.74 24.53 29.44
N ASN D 161 10.50 24.44 28.36
CA ASN D 161 11.21 25.61 27.81
C ASN D 161 10.66 26.23 26.53
N ASN D 162 9.54 25.69 26.04
CA ASN D 162 8.94 26.07 24.78
C ASN D 162 9.96 26.21 23.65
N ARG D 163 10.68 25.12 23.38
CA ARG D 163 11.71 25.08 22.33
C ARG D 163 11.76 23.66 21.75
N ILE D 164 12.39 23.54 20.58
CA ILE D 164 12.66 22.29 19.86
C ILE D 164 14.18 22.07 19.67
N GLY D 165 14.66 20.89 20.08
CA GLY D 165 16.05 20.55 19.94
C GLY D 165 16.31 19.55 18.81
N PHE D 166 17.38 19.79 18.06
CA PHE D 166 17.77 18.89 16.99
C PHE D 166 19.14 18.27 17.27
N ALA D 167 19.32 17.00 16.92
CA ALA D 167 20.63 16.39 16.93
C ALA D 167 20.70 15.44 15.73
N LEU D 168 21.90 15.07 15.30
CA LEU D 168 22.03 14.13 14.19
C LEU D 168 21.69 12.71 14.68
N ALA D 169 20.82 12.01 13.94
CA ALA D 169 20.39 10.66 14.30
C ALA D 169 21.43 9.57 13.98
N ARG D 170 21.53 8.58 14.86
CA ARG D 170 22.30 7.37 14.62
C ARG D 170 21.35 6.34 14.05
N HIS D 171 21.76 5.67 12.99
CA HIS D 171 21.02 4.54 12.44
C HIS D 171 21.89 3.30 12.58
C1 NAG E . 21.54 -12.06 -5.45
C2 NAG E . 22.98 -11.51 -5.42
C3 NAG E . 23.20 -10.55 -6.60
C4 NAG E . 23.04 -11.36 -7.90
C5 NAG E . 21.69 -12.08 -7.89
C6 NAG E . 21.58 -13.03 -9.09
C7 NAG E . 24.12 -11.59 -3.25
C8 NAG E . 24.67 -12.95 -3.64
N2 NAG E . 23.36 -10.93 -4.13
O3 NAG E . 24.46 -9.92 -6.53
O4 NAG E . 23.12 -10.53 -9.06
O5 NAG E . 21.47 -12.79 -6.68
O6 NAG E . 21.19 -12.32 -10.25
O7 NAG E . 24.38 -11.14 -2.12
C1 LPO F . 0.19 -8.18 -11.12
C2 LPO F . -0.60 -8.30 -12.42
N3 LPO F . -1.81 -9.10 -12.34
C4 LPO F . -2.66 -9.19 -11.16
C5 LPO F . -1.83 -9.19 -9.89
C6 LPO F . -0.73 -8.11 -9.93
C7 LPO F . -2.69 -8.92 -8.67
N8 LPO F . -2.53 -9.65 -7.55
O9 LPO F . -1.41 -6.85 -9.89
C10 LPO F . 0.09 -8.21 -8.68
C11 LPO F . 1.22 -9.03 -8.57
N12 LPO F . 1.92 -9.09 -7.43
C13 LPO F . 1.51 -8.37 -6.33
C14 LPO F . 0.39 -7.55 -6.40
C15 LPO F . -0.33 -7.45 -7.59
O16 LPO F . 2.16 -8.37 -5.14
C17 LPO F . 3.14 -9.33 -4.77
C18 LPO F . 2.87 -9.63 -3.31
O19 LPO F . 2.20 -10.88 -3.28
C20 LPO F . 1.38 -11.20 -2.24
C21 LPO F . 1.87 -11.54 -1.00
C22 LPO F . 0.99 -11.85 0.04
C23 LPO F . -0.38 -11.85 -0.21
C24 LPO F . -0.88 -11.51 -1.46
C25 LPO F . 0.02 -11.20 -2.47
CL26 LPO F . -0.49 -10.78 -4.13
CL27 LPO F . 3.64 -11.57 -0.74
C28 LPO F . -1.34 -12.18 0.90
O29 LPO F . -3.53 -8.01 -8.72
C30 LPO F . -3.30 -9.36 -6.34
C31 LPO F . -1.50 -10.73 -7.39
C32 LPO F . -4.67 -10.00 -6.20
C33 LPO F . -5.27 -10.80 -7.16
C34 LPO F . -6.52 -11.38 -6.94
C35 LPO F . -7.20 -11.17 -5.76
C36 LPO F . -6.60 -10.39 -4.79
C37 LPO F . -5.35 -9.79 -5.01
C38 LPO F . -1.76 -11.88 -8.35
C39 LPO F . -2.10 -12.04 -6.87
CL40 LPO F . -4.59 -8.78 -3.74
C41 LPO F . -7.16 -12.28 -7.99
C42 LPO F . -6.77 -13.70 -7.61
O43 LPO F . -7.08 -14.74 -8.55
C44 LPO F . -7.19 -14.35 -9.92
C1 NAG G . 18.56 7.80 35.67
C2 NAG G . 19.90 7.95 36.37
C3 NAG G . 21.07 7.61 35.44
C4 NAG G . 20.86 6.19 34.91
C5 NAG G . 19.53 6.18 34.17
C6 NAG G . 19.24 4.84 33.51
C7 NAG G . 20.33 9.49 38.18
C8 NAG G . 20.61 10.91 38.60
N2 NAG G . 20.06 9.29 36.89
O3 NAG G . 22.30 7.76 36.12
O4 NAG G . 21.93 5.81 34.05
O5 NAG G . 18.45 6.52 35.05
O6 NAG G . 18.64 5.08 32.25
O7 NAG G . 20.35 8.56 39.01
C1 LPO H . -2.59 16.92 11.31
C2 LPO H . -1.30 17.60 10.96
N3 LPO H . -0.22 16.64 10.85
C4 LPO H . -0.33 15.55 9.88
C5 LPO H . -1.65 14.81 10.14
C6 LPO H . -2.84 15.82 10.27
C7 LPO H . -1.96 13.83 9.03
N8 LPO H . -2.41 12.61 9.30
O9 LPO H . -3.08 16.47 9.01
C10 LPO H . -4.09 15.09 10.65
C11 LPO H . -4.42 14.76 11.96
N12 LPO H . -5.56 14.11 12.19
C13 LPO H . -6.38 13.72 11.16
C14 LPO H . -6.07 14.02 9.85
C15 LPO H . -4.91 14.71 9.61
O16 LPO H . -7.55 13.05 11.34
C17 LPO H . -7.80 12.38 12.55
C18 LPO H . -8.49 11.09 12.22
O19 LPO H . -7.59 10.08 12.62
C20 LPO H . -7.49 8.92 11.87
C21 LPO H . -8.37 7.90 12.13
C22 LPO H . -8.35 6.72 11.42
C23 LPO H . -7.42 6.57 10.40
C24 LPO H . -6.53 7.60 10.12
C25 LPO H . -6.57 8.78 10.87
CL26 LPO H . -5.48 10.18 10.60
CL27 LPO H . -9.53 8.16 13.43
C28 LPO H . -7.44 5.27 9.64
O29 LPO H . -1.79 14.16 7.87
C30 LPO H . -2.80 11.67 8.26
C31 LPO H . -2.68 12.14 10.67
C32 LPO H . -1.75 10.82 7.63
C33 LPO H . -0.40 10.95 7.93
C34 LPO H . 0.53 10.12 7.32
C35 LPO H . 0.10 9.16 6.41
C36 LPO H . -1.25 9.02 6.11
C37 LPO H . -2.18 9.85 6.74
C38 LPO H . -1.34 11.94 11.37
C39 LPO H . -2.10 10.74 10.85
CL40 LPO H . -3.95 9.70 6.38
C41 LPO H . 1.99 10.24 7.67
C42 LPO H . 2.13 9.59 9.04
O43 LPO H . 3.47 9.21 9.34
C44 LPO H . 4.11 10.25 10.08
#